data_6QZH
#
_entry.id   6QZH
#
_cell.length_a   79.124
_cell.length_b   128.809
_cell.length_c   100.576
_cell.angle_alpha   90.00
_cell.angle_beta   90.00
_cell.angle_gamma   90.00
#
_symmetry.space_group_name_H-M   'P 21 21 2'
#
loop_
_entity.id
_entity.type
_entity.pdbx_description
1 polymer 'C-C chemokine receptor type 7,Sialidase A,C-C chemokine receptor type 7'
2 non-polymer 'TRIETHYLENE GLYCOL'
3 non-polymer 3-[[4-[[(1~{R})-2,2-dimethyl-1-(5-methylfuran-2-yl)propyl]amino]-1,1-bis(oxidanylidene)-1,2,5-thiadiazol-3-yl]amino]-~{N},~{N},6-trimethyl-2-oxidanyl-benzamide
4 non-polymer 'SODIUM ION'
5 non-polymer 'D(-)-TARTARIC ACID'
6 water water
#
_entity_poly.entity_id   1
_entity_poly.type   'polypeptide(L)'
_entity_poly.pdbx_seq_one_letter_code
;GPGSSLCSKKDVRNFKAWFLPIMYSIICFVGLLGNGLVVLTYIYFKRLKTMTDTYLLNLAVADILFLLTLPFWAYSAAKS
WVFGVHFCKLIFAIYKMSFFSGMWLLLCISIDRYVAIVQAVSAHRHRARVLLISKLSCVGIWILATVLSIPELLYSDLQR
SSSEQAMRCSLITEHVEAFITIQVAQMVIGFLVPLLAMSFCYLVIISKLHALTEKTDIFESGRNGNPNKDGIKSYRIPAL
LKTDKGTLIAGADERRLHSSDWGDIGMVIRRSEDNGKTWGDRVTITNLRDNPKASDPSIGSPVNIDMVLVQDPETKRIFS
IYDMFPEGKGIFGMSSQKEEAYKKIDGKTYQILYREGEKGAYTIRENGTVYTPDGKATDYRVVVDPVKPAYSDKGDLYKG
DQLLGNIYFTTNKTSPFRIAKDSYLWMSYSDDDGKTWSAPQDITPMVKADWMKFLGVGPGTGIVLRNGPHKGRILIPVYT
TNNVSHLDGSQSSRVIYSDDHGKTWHAGEAVNDNRQVDGQKIHSSTMNNRRAQNTESTVVQLNNGDVKLFMRGLTGDLQV
ATSKDGGVTWEKDIKRYPQVKDVYVQMSAIHTMHEGKEYIILSNAGGPKRENGMVHLARVEENGELTWLKHNPIQKGEFA
YNSLQELGNGEYGILYEHTEKGQNAYTLSFRKFNWEFLSKSKGHERNKAIKVIIAVVVVFIVFQLPYNGVVLAQTVANFN
ITSSTCELSKQLNIAYDVTYSLACVRCCVNPFLYAFIGVKFRNDLFKLFKDLGCLSGGRLEVLFQ
;
_entity_poly.pdbx_strand_id   A
#
# COMPACT_ATOMS: atom_id res chain seq x y z
N ASP A 11 -0.81 26.23 -59.17
CA ASP A 11 -0.37 24.89 -58.84
C ASP A 11 -1.55 24.02 -58.39
N VAL A 12 -2.15 23.30 -59.34
CA VAL A 12 -3.34 22.51 -59.11
C VAL A 12 -3.19 21.17 -59.82
N ARG A 13 -4.14 20.27 -59.57
CA ARG A 13 -4.18 18.96 -60.21
C ARG A 13 -5.57 18.39 -60.03
N ASN A 14 -5.85 17.33 -60.80
CA ASN A 14 -7.12 16.61 -60.71
C ASN A 14 -6.93 15.10 -60.61
N PHE A 15 -5.70 14.63 -60.40
CA PHE A 15 -5.51 13.26 -59.92
C PHE A 15 -5.98 13.14 -58.47
N LYS A 16 -5.95 14.24 -57.71
CA LYS A 16 -6.60 14.33 -56.41
C LYS A 16 -8.12 14.16 -56.52
N ALA A 17 -8.67 14.08 -57.73
CA ALA A 17 -10.09 13.80 -57.88
C ALA A 17 -10.36 12.31 -57.84
N TRP A 18 -9.46 11.50 -58.41
CA TRP A 18 -9.58 10.05 -58.34
C TRP A 18 -8.84 9.45 -57.14
N PHE A 19 -7.96 10.22 -56.49
CA PHE A 19 -7.27 9.71 -55.30
C PHE A 19 -8.25 9.36 -54.20
N LEU A 20 -9.31 10.15 -54.04
CA LEU A 20 -10.25 9.96 -52.94
C LEU A 20 -11.21 8.78 -53.16
N PRO A 21 -11.66 8.49 -54.39
CA PRO A 21 -12.49 7.28 -54.59
C PRO A 21 -11.89 6.00 -54.02
N ILE A 22 -10.58 5.80 -54.16
CA ILE A 22 -9.97 4.58 -53.62
C ILE A 22 -9.76 4.72 -52.12
N MET A 23 -9.43 5.92 -51.65
CA MET A 23 -9.16 6.12 -50.23
C MET A 23 -10.42 5.90 -49.40
N TYR A 24 -11.53 6.54 -49.80
CA TYR A 24 -12.80 6.31 -49.12
C TYR A 24 -13.31 4.89 -49.30
N SER A 25 -12.81 4.17 -50.30
CA SER A 25 -13.26 2.80 -50.53
C SER A 25 -12.67 1.85 -49.48
N ILE A 26 -11.35 1.88 -49.32
CA ILE A 26 -10.69 0.92 -48.45
C ILE A 26 -10.88 1.28 -46.99
N ILE A 27 -10.87 2.57 -46.65
CA ILE A 27 -11.08 3.00 -45.28
C ILE A 27 -12.58 3.03 -45.00
N CYS A 28 -13.35 2.40 -45.89
CA CYS A 28 -14.74 2.07 -45.62
C CYS A 28 -14.98 0.57 -45.59
N PHE A 29 -14.19 -0.22 -46.31
CA PHE A 29 -14.31 -1.67 -46.22
C PHE A 29 -13.65 -2.19 -44.94
N VAL A 30 -12.40 -1.78 -44.69
CA VAL A 30 -11.76 -2.08 -43.41
C VAL A 30 -12.65 -1.64 -42.26
N GLY A 31 -13.22 -0.43 -42.36
CA GLY A 31 -14.03 0.09 -41.28
C GLY A 31 -15.34 -0.66 -41.11
N LEU A 32 -16.02 -0.98 -42.22
CA LEU A 32 -17.28 -1.72 -42.15
C LEU A 32 -17.07 -3.21 -41.88
N LEU A 33 -15.90 -3.74 -42.25
CA LEU A 33 -15.56 -5.10 -41.90
C LEU A 33 -15.15 -5.20 -40.43
N GLY A 34 -14.22 -4.34 -40.01
CA GLY A 34 -13.82 -4.32 -38.60
C GLY A 34 -14.99 -4.03 -37.67
N ASN A 35 -15.74 -2.96 -37.96
CA ASN A 35 -16.87 -2.60 -37.10
C ASN A 35 -18.03 -3.59 -37.21
N GLY A 36 -18.10 -4.37 -38.30
CA GLY A 36 -19.08 -5.44 -38.36
C GLY A 36 -18.71 -6.60 -37.45
N LEU A 37 -17.42 -6.97 -37.43
CA LEU A 37 -16.93 -7.98 -36.48
C LEU A 37 -17.25 -7.59 -35.05
N VAL A 38 -17.26 -6.29 -34.75
CA VAL A 38 -17.53 -5.82 -33.39
C VAL A 38 -19.00 -6.02 -33.03
N VAL A 39 -19.89 -5.83 -34.01
CA VAL A 39 -21.32 -6.07 -33.77
C VAL A 39 -21.58 -7.56 -33.63
N LEU A 40 -21.27 -8.34 -34.68
CA LEU A 40 -21.57 -9.78 -34.66
C LEU A 40 -21.00 -10.47 -33.42
N THR A 41 -19.78 -10.10 -33.02
CA THR A 41 -19.19 -10.71 -31.83
C THR A 41 -19.95 -10.30 -30.57
N TYR A 42 -20.51 -9.09 -30.53
CA TYR A 42 -21.27 -8.66 -29.36
C TYR A 42 -22.61 -9.38 -29.26
N ILE A 43 -23.22 -9.73 -30.40
CA ILE A 43 -24.56 -10.32 -30.39
C ILE A 43 -24.49 -11.69 -29.73
N TYR A 44 -23.86 -12.67 -30.40
CA TYR A 44 -23.72 -14.02 -29.82
C TYR A 44 -22.61 -14.00 -28.76
N PHE A 45 -22.90 -13.30 -27.67
CA PHE A 45 -22.03 -13.09 -26.52
C PHE A 45 -22.80 -12.15 -25.58
N LYS A 46 -24.06 -11.89 -25.92
CA LYS A 46 -24.83 -10.86 -25.24
C LYS A 46 -25.02 -11.15 -23.76
N ARG A 47 -25.09 -12.44 -23.37
CA ARG A 47 -25.38 -12.78 -21.98
C ARG A 47 -24.28 -12.32 -21.03
N LEU A 48 -23.03 -12.31 -21.47
CA LEU A 48 -21.90 -11.92 -20.63
C LEU A 48 -21.39 -10.52 -20.96
N LYS A 49 -22.30 -9.57 -21.18
CA LYS A 49 -21.95 -8.23 -21.64
C LYS A 49 -21.82 -7.28 -20.46
N THR A 50 -20.72 -6.50 -20.45
CA THR A 50 -20.46 -5.55 -19.37
C THR A 50 -21.26 -4.26 -19.61
N MET A 51 -21.00 -3.24 -18.79
CA MET A 51 -21.49 -1.91 -19.09
C MET A 51 -20.68 -1.29 -20.22
N THR A 52 -19.37 -1.51 -20.21
CA THR A 52 -18.52 -1.00 -21.30
C THR A 52 -18.76 -1.75 -22.60
N ASP A 53 -19.15 -3.03 -22.52
CA ASP A 53 -19.43 -3.77 -23.75
C ASP A 53 -20.65 -3.22 -24.50
N THR A 54 -21.64 -2.69 -23.78
CA THR A 54 -22.75 -2.02 -24.45
C THR A 54 -22.33 -0.65 -24.98
N TYR A 55 -21.45 0.05 -24.27
CA TYR A 55 -20.95 1.35 -24.74
C TYR A 55 -20.07 1.18 -25.98
N LEU A 56 -19.19 0.19 -25.98
CA LEU A 56 -18.36 -0.04 -27.15
C LEU A 56 -19.17 -0.49 -28.35
N LEU A 57 -20.36 -1.06 -28.12
CA LEU A 57 -21.26 -1.41 -29.22
C LEU A 57 -21.79 -0.15 -29.89
N ASN A 58 -22.50 0.69 -29.14
CA ASN A 58 -23.02 1.93 -29.68
C ASN A 58 -21.93 2.77 -30.34
N LEU A 59 -20.69 2.67 -29.85
CA LEU A 59 -19.58 3.37 -30.50
C LEU A 59 -19.27 2.75 -31.85
N ALA A 60 -19.49 1.44 -32.02
CA ALA A 60 -19.34 0.85 -33.34
C ALA A 60 -20.51 1.22 -34.24
N VAL A 61 -21.71 1.39 -33.67
CA VAL A 61 -22.86 1.89 -34.44
C VAL A 61 -22.56 3.28 -34.98
N ALA A 62 -22.02 4.16 -34.13
CA ALA A 62 -21.62 5.49 -34.57
C ALA A 62 -20.51 5.42 -35.62
N ASP A 63 -19.58 4.47 -35.47
CA ASP A 63 -18.55 4.32 -36.50
C ASP A 63 -19.12 3.78 -37.79
N ILE A 64 -20.18 2.98 -37.73
CA ILE A 64 -20.77 2.44 -38.94
C ILE A 64 -21.55 3.53 -39.68
N LEU A 65 -22.41 4.25 -38.95
CA LEU A 65 -23.22 5.29 -39.58
C LEU A 65 -22.33 6.32 -40.29
N PHE A 66 -21.21 6.72 -39.68
CA PHE A 66 -20.30 7.64 -40.35
C PHE A 66 -19.59 6.99 -41.53
N LEU A 67 -19.32 5.68 -41.43
CA LEU A 67 -18.68 5.00 -42.55
C LEU A 67 -19.66 4.87 -43.73
N LEU A 68 -20.93 4.67 -43.44
CA LEU A 68 -21.94 4.57 -44.50
C LEU A 68 -22.15 5.90 -45.29
N THR A 69 -21.33 6.95 -45.15
CA THR A 69 -21.42 8.13 -46.00
C THR A 69 -20.25 8.26 -46.97
N LEU A 70 -19.16 7.52 -46.74
CA LEU A 70 -17.96 7.63 -47.57
C LEU A 70 -18.15 7.19 -49.02
N PRO A 71 -19.09 6.27 -49.33
CA PRO A 71 -19.44 6.08 -50.76
C PRO A 71 -19.83 7.37 -51.47
N PHE A 72 -20.80 8.10 -50.93
CA PHE A 72 -21.29 9.33 -51.56
C PHE A 72 -20.20 10.38 -51.72
N TRP A 73 -19.13 10.31 -50.95
CA TRP A 73 -18.00 11.20 -51.20
C TRP A 73 -17.11 10.68 -52.31
N ALA A 74 -17.18 9.39 -52.62
CA ALA A 74 -16.39 8.85 -53.71
C ALA A 74 -17.03 9.15 -55.06
N TYR A 75 -18.36 9.01 -55.15
CA TYR A 75 -19.06 9.42 -56.36
C TYR A 75 -18.80 10.90 -56.66
N SER A 76 -18.92 11.74 -55.63
CA SER A 76 -18.80 13.18 -55.84
C SER A 76 -17.40 13.59 -56.26
N ALA A 77 -16.37 12.87 -55.81
CA ALA A 77 -15.01 13.15 -56.25
C ALA A 77 -14.71 12.52 -57.60
N ALA A 78 -15.44 11.46 -57.98
CA ALA A 78 -15.26 10.82 -59.27
C ALA A 78 -16.16 11.42 -60.36
N LYS A 79 -17.20 12.15 -59.96
CA LYS A 79 -18.12 12.81 -60.88
C LYS A 79 -18.65 14.09 -60.24
N SER A 80 -19.82 14.03 -59.61
CA SER A 80 -20.40 15.18 -58.94
C SER A 80 -21.49 14.70 -57.98
N TRP A 81 -22.00 15.65 -57.19
CA TRP A 81 -23.03 15.34 -56.19
C TRP A 81 -24.38 15.28 -56.86
N VAL A 82 -24.90 14.06 -57.03
CA VAL A 82 -26.18 13.85 -57.72
C VAL A 82 -27.25 13.46 -56.71
N PHE A 83 -27.15 14.00 -55.48
CA PHE A 83 -27.94 13.48 -54.36
C PHE A 83 -28.76 14.51 -53.60
N GLY A 84 -28.70 15.78 -53.97
CA GLY A 84 -29.66 16.76 -53.50
C GLY A 84 -29.18 17.52 -52.27
N VAL A 85 -29.83 18.66 -52.02
CA VAL A 85 -29.50 19.48 -50.85
C VAL A 85 -29.92 18.80 -49.57
N HIS A 86 -30.96 17.96 -49.63
CA HIS A 86 -31.41 17.25 -48.43
C HIS A 86 -30.30 16.35 -47.90
N PHE A 87 -29.87 15.39 -48.72
CA PHE A 87 -28.81 14.48 -48.29
C PHE A 87 -27.48 15.19 -48.09
N CYS A 88 -27.28 16.34 -48.72
CA CYS A 88 -26.07 17.11 -48.44
C CYS A 88 -26.09 17.65 -47.02
N LYS A 89 -27.18 18.32 -46.66
CA LYS A 89 -27.36 18.81 -45.30
C LYS A 89 -27.31 17.69 -44.26
N LEU A 90 -27.55 16.45 -44.67
CA LEU A 90 -27.76 15.36 -43.72
C LEU A 90 -26.49 14.62 -43.34
N ILE A 91 -25.57 14.40 -44.27
CA ILE A 91 -24.37 13.63 -43.92
C ILE A 91 -23.38 14.44 -43.09
N PHE A 92 -23.43 15.77 -43.15
CA PHE A 92 -22.61 16.55 -42.23
C PHE A 92 -23.17 16.48 -40.82
N ALA A 93 -24.48 16.54 -40.68
CA ALA A 93 -25.11 16.33 -39.38
C ALA A 93 -24.90 14.91 -38.89
N ILE A 94 -24.89 13.94 -39.80
CA ILE A 94 -24.67 12.56 -39.40
C ILE A 94 -23.24 12.37 -38.89
N TYR A 95 -22.29 13.16 -39.38
CA TYR A 95 -20.92 13.05 -38.86
C TYR A 95 -20.84 13.59 -37.44
N LYS A 96 -21.46 14.74 -37.19
CA LYS A 96 -21.50 15.27 -35.83
C LYS A 96 -22.16 14.29 -34.87
N MET A 97 -23.13 13.49 -35.35
CA MET A 97 -23.68 12.42 -34.55
C MET A 97 -22.60 11.43 -34.12
N SER A 98 -21.70 11.06 -35.04
CA SER A 98 -20.62 10.14 -34.70
C SER A 98 -19.70 10.76 -33.67
N PHE A 99 -19.22 11.97 -33.97
CA PHE A 99 -18.23 12.60 -33.10
C PHE A 99 -18.80 12.93 -31.74
N PHE A 100 -20.04 13.41 -31.68
CA PHE A 100 -20.60 13.80 -30.39
C PHE A 100 -20.98 12.60 -29.54
N SER A 101 -21.58 11.58 -30.15
CA SER A 101 -21.90 10.37 -29.40
C SER A 101 -20.62 9.66 -28.94
N GLY A 102 -19.65 9.51 -29.85
CA GLY A 102 -18.39 8.92 -29.46
C GLY A 102 -17.76 9.62 -28.26
N MET A 103 -17.78 10.96 -28.25
CA MET A 103 -17.26 11.69 -27.11
C MET A 103 -18.02 11.36 -25.83
N TRP A 104 -19.35 11.24 -25.92
CA TRP A 104 -20.16 10.95 -24.75
C TRP A 104 -20.20 9.46 -24.42
N LEU A 105 -19.98 8.60 -25.40
CA LEU A 105 -19.83 7.17 -25.11
C LEU A 105 -18.50 6.91 -24.41
N LEU A 106 -17.42 7.51 -24.93
CA LEU A 106 -16.14 7.42 -24.23
C LEU A 106 -16.26 7.94 -22.80
N LEU A 107 -16.99 9.04 -22.62
CA LEU A 107 -17.14 9.58 -21.28
C LEU A 107 -17.93 8.65 -20.37
N CYS A 108 -18.81 7.85 -20.94
CA CYS A 108 -19.56 6.92 -20.10
C CYS A 108 -18.72 5.71 -19.68
N ILE A 109 -17.74 5.32 -20.50
CA ILE A 109 -16.72 4.38 -20.05
C ILE A 109 -16.00 4.93 -18.82
N SER A 110 -15.66 6.22 -18.86
CA SER A 110 -14.87 6.85 -17.81
C SER A 110 -15.53 6.72 -16.45
N ILE A 111 -16.80 7.14 -16.35
CA ILE A 111 -17.47 7.08 -15.06
C ILE A 111 -17.69 5.64 -14.65
N ASP A 112 -17.84 4.73 -15.62
CA ASP A 112 -17.90 3.31 -15.31
C ASP A 112 -16.63 2.85 -14.62
N ARG A 113 -15.46 3.05 -15.25
CA ARG A 113 -14.19 2.62 -14.65
C ARG A 113 -13.84 3.45 -13.42
N TYR A 114 -14.37 4.67 -13.33
CA TYR A 114 -14.07 5.52 -12.17
C TYR A 114 -14.63 4.91 -10.90
N VAL A 115 -15.94 4.69 -10.85
CA VAL A 115 -16.56 4.08 -9.68
C VAL A 115 -16.06 2.65 -9.48
N ALA A 116 -15.77 1.95 -10.58
CA ALA A 116 -15.25 0.60 -10.48
C ALA A 116 -13.84 0.56 -9.89
N ILE A 117 -13.15 1.70 -9.83
CA ILE A 117 -11.82 1.78 -9.22
C ILE A 117 -11.81 3.01 -8.32
N VAL A 118 -12.83 3.13 -7.48
CA VAL A 118 -12.88 4.17 -6.47
C VAL A 118 -13.92 3.78 -5.43
N HIS A 124 -21.33 -2.87 -10.23
CA HIS A 124 -21.44 -4.14 -10.94
C HIS A 124 -22.11 -5.21 -10.07
N ARG A 125 -22.28 -4.88 -8.79
CA ARG A 125 -22.66 -5.89 -7.80
C ARG A 125 -24.09 -6.41 -8.03
N HIS A 126 -24.96 -5.61 -8.63
CA HIS A 126 -26.35 -6.01 -8.91
C HIS A 126 -26.63 -5.81 -10.40
N ARG A 127 -26.70 -6.90 -11.16
CA ARG A 127 -26.93 -6.79 -12.59
C ARG A 127 -28.30 -6.21 -12.94
N ALA A 128 -29.21 -6.10 -11.98
CA ALA A 128 -30.58 -5.68 -12.26
C ALA A 128 -30.72 -4.16 -12.47
N ARG A 129 -29.69 -3.37 -12.18
CA ARG A 129 -29.69 -1.97 -12.56
C ARG A 129 -28.41 -1.57 -13.28
N VAL A 130 -27.47 -2.50 -13.48
CA VAL A 130 -26.35 -2.21 -14.37
C VAL A 130 -26.83 -2.19 -15.81
N LEU A 131 -28.01 -2.74 -16.09
CA LEU A 131 -28.64 -2.59 -17.39
C LEU A 131 -29.52 -1.35 -17.46
N LEU A 132 -30.19 -1.01 -16.34
CA LEU A 132 -31.06 0.16 -16.32
C LEU A 132 -30.30 1.42 -16.72
N ILE A 133 -29.29 1.81 -15.93
CA ILE A 133 -28.59 3.06 -16.22
C ILE A 133 -27.66 2.95 -17.43
N SER A 134 -27.26 1.73 -17.81
CA SER A 134 -26.35 1.59 -18.96
C SER A 134 -27.06 1.92 -20.25
N LYS A 135 -28.15 1.21 -20.55
CA LYS A 135 -28.86 1.45 -21.80
C LYS A 135 -29.72 2.70 -21.77
N LEU A 136 -30.06 3.22 -20.58
CA LEU A 136 -30.75 4.50 -20.54
C LEU A 136 -29.84 5.65 -20.96
N SER A 137 -28.52 5.49 -20.81
CA SER A 137 -27.59 6.49 -21.28
C SER A 137 -27.14 6.25 -22.72
N CYS A 138 -27.35 5.05 -23.27
CA CYS A 138 -27.23 4.87 -24.71
C CYS A 138 -28.31 5.66 -25.44
N VAL A 139 -29.55 5.57 -24.95
CA VAL A 139 -30.64 6.34 -25.54
C VAL A 139 -30.44 7.83 -25.30
N GLY A 140 -29.93 8.22 -24.13
CA GLY A 140 -29.75 9.63 -23.83
C GLY A 140 -28.61 10.27 -24.60
N ILE A 141 -27.59 9.49 -24.94
CA ILE A 141 -26.47 10.01 -25.73
C ILE A 141 -26.91 10.24 -27.17
N TRP A 142 -27.58 9.25 -27.77
CA TRP A 142 -28.08 9.42 -29.13
C TRP A 142 -29.01 10.61 -29.23
N ILE A 143 -29.92 10.77 -28.26
CA ILE A 143 -30.77 11.95 -28.22
C ILE A 143 -29.92 13.22 -28.07
N LEU A 144 -28.90 13.17 -27.21
CA LEU A 144 -27.96 14.27 -27.11
C LEU A 144 -27.20 14.47 -28.42
N ALA A 145 -26.66 13.38 -28.98
CA ALA A 145 -25.89 13.49 -30.21
C ALA A 145 -26.76 14.01 -31.35
N THR A 146 -28.00 13.52 -31.45
CA THR A 146 -28.86 13.91 -32.56
C THR A 146 -29.34 15.36 -32.43
N VAL A 147 -29.66 15.79 -31.20
CA VAL A 147 -30.15 17.15 -31.00
C VAL A 147 -29.07 18.18 -31.31
N LEU A 148 -27.87 17.99 -30.77
CA LEU A 148 -26.79 18.94 -30.99
C LEU A 148 -26.29 18.96 -32.44
N SER A 149 -26.55 17.89 -33.21
CA SER A 149 -26.08 17.79 -34.59
C SER A 149 -27.09 18.32 -35.60
N ILE A 150 -28.33 18.56 -35.20
CA ILE A 150 -29.39 19.07 -36.09
C ILE A 150 -29.08 20.50 -36.54
N PRO A 151 -28.47 21.35 -35.73
CA PRO A 151 -27.96 22.64 -36.26
C PRO A 151 -26.99 22.52 -37.44
N GLU A 152 -26.50 21.33 -37.78
CA GLU A 152 -25.59 21.18 -38.91
C GLU A 152 -26.31 21.22 -40.26
N LEU A 153 -27.65 21.14 -40.26
CA LEU A 153 -28.44 21.11 -41.49
C LEU A 153 -28.45 22.46 -42.21
N LEU A 154 -28.08 23.55 -41.55
CA LEU A 154 -28.18 24.88 -42.11
C LEU A 154 -26.87 25.43 -42.62
N TYR A 155 -25.75 24.75 -42.37
CA TYR A 155 -24.45 25.27 -42.78
C TYR A 155 -23.78 24.31 -43.76
N SER A 156 -24.54 23.89 -44.76
CA SER A 156 -24.10 22.92 -45.75
C SER A 156 -25.16 22.78 -46.81
N ASP A 157 -24.79 22.92 -48.09
CA ASP A 157 -25.71 22.77 -49.21
C ASP A 157 -24.91 22.71 -50.50
N LEU A 158 -25.62 22.69 -51.64
CA LEU A 158 -25.00 22.48 -52.93
C LEU A 158 -24.46 23.79 -53.50
N GLN A 159 -23.36 23.67 -54.25
CA GLN A 159 -22.57 24.83 -54.65
C GLN A 159 -22.37 24.84 -56.16
N ARG A 160 -22.67 25.97 -56.78
CA ARG A 160 -22.21 26.26 -58.14
C ARG A 160 -20.70 26.03 -58.24
N SER A 161 -19.92 26.79 -57.46
CA SER A 161 -18.47 26.71 -57.32
C SER A 161 -17.73 27.40 -58.47
N SER A 162 -18.40 27.60 -59.60
CA SER A 162 -17.78 28.11 -60.82
C SER A 162 -16.57 27.27 -61.24
N SER A 163 -16.67 25.96 -61.02
CA SER A 163 -15.59 25.00 -61.29
C SER A 163 -16.04 24.05 -62.39
N GLU A 164 -16.05 24.56 -63.63
CA GLU A 164 -16.53 23.80 -64.80
C GLU A 164 -18.00 23.45 -64.55
N GLN A 165 -18.47 22.29 -65.00
CA GLN A 165 -19.87 21.90 -64.89
C GLN A 165 -20.17 21.11 -63.62
N ALA A 166 -19.43 21.37 -62.53
CA ALA A 166 -19.38 20.48 -61.37
C ALA A 166 -20.27 20.99 -60.25
N MET A 167 -21.18 20.13 -59.80
CA MET A 167 -22.01 20.36 -58.61
C MET A 167 -21.39 19.62 -57.43
N ARG A 168 -20.96 20.37 -56.41
CA ARG A 168 -20.33 19.79 -55.24
C ARG A 168 -21.07 20.22 -53.98
N CYS A 169 -21.11 19.31 -53.00
CA CYS A 169 -21.71 19.56 -51.69
C CYS A 169 -20.62 19.91 -50.70
N SER A 170 -20.83 20.95 -49.90
CA SER A 170 -19.82 21.42 -48.96
C SER A 170 -20.47 22.36 -47.95
N LEU A 171 -19.75 22.61 -46.87
CA LEU A 171 -20.13 23.63 -45.91
C LEU A 171 -20.13 24.99 -46.58
N ILE A 172 -20.88 25.92 -46.01
CA ILE A 172 -20.98 27.24 -46.63
C ILE A 172 -19.82 28.11 -46.13
N THR A 173 -19.43 29.07 -46.98
CA THR A 173 -18.14 29.74 -46.88
C THR A 173 -18.04 30.75 -45.72
N GLU A 174 -17.32 31.85 -45.96
CA GLU A 174 -16.91 32.73 -44.87
C GLU A 174 -18.04 33.63 -44.39
N HIS A 175 -18.84 34.18 -45.30
CA HIS A 175 -19.74 35.30 -45.02
C HIS A 175 -20.76 35.04 -43.91
N VAL A 176 -20.74 33.86 -43.30
CA VAL A 176 -21.69 33.52 -42.23
C VAL A 176 -20.99 33.67 -40.88
N GLU A 177 -21.56 34.51 -40.00
CA GLU A 177 -21.02 34.70 -38.67
C GLU A 177 -22.06 34.57 -37.57
N ALA A 178 -23.37 34.57 -37.88
CA ALA A 178 -24.39 34.27 -36.88
C ALA A 178 -24.30 32.84 -36.37
N PHE A 179 -23.32 32.07 -36.86
CA PHE A 179 -23.12 30.69 -36.48
C PHE A 179 -22.42 30.54 -35.13
N ILE A 180 -21.57 31.51 -34.77
CA ILE A 180 -20.71 31.38 -33.59
C ILE A 180 -21.54 31.18 -32.34
N THR A 181 -22.69 31.85 -32.25
CA THR A 181 -23.60 31.66 -31.14
C THR A 181 -24.25 30.27 -31.12
N ILE A 182 -24.00 29.44 -32.14
CA ILE A 182 -24.61 28.12 -32.26
C ILE A 182 -23.55 27.01 -32.26
N GLN A 183 -22.49 27.17 -33.05
CA GLN A 183 -21.54 26.08 -33.25
C GLN A 183 -20.60 25.90 -32.08
N VAL A 184 -20.06 27.00 -31.54
CA VAL A 184 -19.22 26.91 -30.35
C VAL A 184 -19.97 26.18 -29.24
N ALA A 185 -21.28 26.44 -29.11
CA ALA A 185 -22.09 25.73 -28.13
C ALA A 185 -22.11 24.23 -28.40
N GLN A 186 -22.18 23.84 -29.68
CA GLN A 186 -22.16 22.42 -30.01
C GLN A 186 -20.88 21.75 -29.51
N MET A 187 -19.75 22.41 -29.72
CA MET A 187 -18.47 21.79 -29.38
C MET A 187 -18.22 21.78 -27.89
N VAL A 188 -18.73 22.76 -27.14
CA VAL A 188 -18.52 22.72 -25.70
C VAL A 188 -19.40 21.67 -25.03
N ILE A 189 -20.52 21.29 -25.63
CA ILE A 189 -21.39 20.25 -25.08
C ILE A 189 -21.07 18.90 -25.68
N GLY A 190 -20.93 18.83 -27.00
CA GLY A 190 -20.64 17.56 -27.61
C GLY A 190 -19.21 17.10 -27.48
N PHE A 191 -18.30 17.97 -27.04
CA PHE A 191 -16.89 17.59 -26.97
C PHE A 191 -16.23 18.01 -25.67
N LEU A 192 -16.25 19.32 -25.36
CA LEU A 192 -15.48 19.82 -24.22
C LEU A 192 -15.97 19.21 -22.91
N VAL A 193 -17.29 19.16 -22.72
CA VAL A 193 -17.83 18.48 -21.54
C VAL A 193 -17.35 17.03 -21.46
N PRO A 194 -17.50 16.19 -22.51
CA PRO A 194 -16.83 14.88 -22.45
C PRO A 194 -15.35 14.99 -22.16
N LEU A 195 -14.63 15.78 -22.94
CA LEU A 195 -13.18 15.83 -22.79
C LEU A 195 -12.78 16.22 -21.37
N LEU A 196 -13.46 17.21 -20.79
CA LEU A 196 -13.13 17.63 -19.43
C LEU A 196 -13.49 16.54 -18.43
N ALA A 197 -14.70 15.99 -18.52
CA ALA A 197 -15.12 14.98 -17.55
C ALA A 197 -14.32 13.69 -17.70
N MET A 198 -14.02 13.30 -18.95
CA MET A 198 -13.08 12.18 -19.16
C MET A 198 -11.72 12.48 -18.56
N SER A 199 -11.31 13.74 -18.56
CA SER A 199 -10.00 14.09 -18.03
C SER A 199 -9.98 13.99 -16.51
N PHE A 200 -11.11 14.32 -15.86
CA PHE A 200 -11.21 14.10 -14.42
C PHE A 200 -11.13 12.62 -14.09
N CYS A 201 -12.00 11.82 -14.71
CA CYS A 201 -12.05 10.39 -14.41
C CYS A 201 -10.70 9.73 -14.61
N TYR A 202 -10.16 9.79 -15.83
CA TYR A 202 -8.90 9.08 -16.04
C TYR A 202 -7.71 9.75 -15.36
N LEU A 203 -7.89 10.88 -14.69
CA LEU A 203 -6.76 11.37 -13.92
C LEU A 203 -6.72 10.72 -12.53
N VAL A 204 -7.86 10.67 -11.85
CA VAL A 204 -7.87 10.01 -10.54
C VAL A 204 -7.76 8.49 -10.70
N ILE A 205 -8.29 7.94 -11.78
CA ILE A 205 -8.09 6.53 -12.07
C ILE A 205 -6.59 6.21 -12.10
N ILE A 206 -5.80 7.10 -12.70
CA ILE A 206 -4.36 6.91 -12.73
C ILE A 206 -3.76 7.12 -11.35
N SER A 207 -4.29 8.07 -10.57
CA SER A 207 -3.80 8.25 -9.21
C SER A 207 -4.02 7.01 -8.36
N LYS A 208 -5.18 6.37 -8.53
CA LYS A 208 -5.46 5.16 -7.75
C LYS A 208 -4.57 4.02 -8.17
N LEU A 209 -4.43 3.78 -9.47
CA LEU A 209 -3.53 2.72 -9.90
C LEU A 209 -2.11 2.99 -9.47
N HIS A 210 -1.69 4.26 -9.44
CA HIS A 210 -0.37 4.57 -8.90
C HIS A 210 -0.27 4.13 -7.45
N ALA A 211 -1.31 4.42 -6.66
CA ALA A 211 -1.29 4.14 -5.23
C ALA A 211 -1.13 2.65 -4.92
N LEU A 212 -1.68 1.78 -5.77
CA LEU A 212 -1.69 0.34 -5.55
C LEU A 212 -0.47 -0.37 -6.15
N THR A 213 0.42 0.36 -6.84
CA THR A 213 1.50 -0.27 -7.57
C THR A 213 2.87 0.33 -7.30
N GLU A 214 2.98 1.35 -6.46
CA GLU A 214 4.25 1.99 -6.19
C GLU A 214 4.45 2.12 -4.70
N LYS A 215 5.71 2.03 -4.25
CA LYS A 215 6.00 2.18 -2.84
C LYS A 215 6.26 3.63 -2.49
N THR A 216 6.04 3.96 -1.22
CA THR A 216 6.31 5.29 -0.67
C THR A 216 7.34 5.15 0.43
N ASP A 217 8.48 5.83 0.29
CA ASP A 217 9.51 5.79 1.33
C ASP A 217 9.07 6.57 2.55
N ILE A 218 8.99 5.89 3.68
CA ILE A 218 8.48 6.47 4.91
C ILE A 218 9.63 6.94 5.81
N PHE A 219 10.63 6.07 6.00
CA PHE A 219 11.83 6.39 6.74
C PHE A 219 12.97 6.17 5.77
N GLU A 220 13.54 7.26 5.28
CA GLU A 220 14.57 7.22 4.26
C GLU A 220 15.93 7.15 4.93
N SER A 221 16.64 6.05 4.70
CA SER A 221 18.00 5.94 5.19
C SER A 221 18.95 6.74 4.29
N GLY A 222 20.15 7.00 4.83
CA GLY A 222 21.21 7.64 4.07
C GLY A 222 21.68 6.77 2.91
N ARG A 223 22.60 7.33 2.11
CA ARG A 223 23.13 6.68 0.93
C ARG A 223 24.64 6.49 1.02
N ASN A 224 25.11 5.39 0.44
CA ASN A 224 26.54 5.09 0.33
C ASN A 224 27.27 5.23 1.67
N GLY A 225 26.57 4.97 2.78
CA GLY A 225 27.19 5.05 4.08
C GLY A 225 27.15 6.41 4.76
N ASN A 226 26.61 7.43 4.09
CA ASN A 226 26.48 8.75 4.71
C ASN A 226 25.15 8.88 5.45
N PRO A 227 25.05 9.83 6.38
CA PRO A 227 23.74 10.14 6.97
C PRO A 227 22.79 10.74 5.94
N ASN A 228 21.53 10.85 6.35
CA ASN A 228 20.48 11.35 5.49
C ASN A 228 20.17 12.79 5.88
N LYS A 229 19.23 13.42 5.16
CA LYS A 229 18.82 14.80 5.42
C LYS A 229 18.76 15.16 6.91
N ASP A 230 18.49 14.19 7.78
CA ASP A 230 18.30 14.49 9.19
C ASP A 230 19.44 13.98 10.07
N GLY A 231 20.56 13.62 9.45
CA GLY A 231 21.69 13.12 10.21
C GLY A 231 21.51 11.69 10.65
N ILE A 232 20.64 10.94 9.99
CA ILE A 232 20.30 9.59 10.40
C ILE A 232 20.84 8.65 9.33
N LYS A 233 21.69 7.71 9.74
CA LYS A 233 22.19 6.79 8.74
C LYS A 233 21.16 5.73 8.37
N SER A 234 20.44 5.19 9.34
CA SER A 234 19.75 3.94 9.10
C SER A 234 18.43 3.87 9.86
N TYR A 235 17.45 3.21 9.24
CA TYR A 235 16.18 2.87 9.88
C TYR A 235 15.97 1.37 9.81
N ARG A 236 15.44 0.80 10.89
CA ARG A 236 15.17 -0.63 10.90
C ARG A 236 13.95 -0.91 11.76
N ILE A 237 13.32 -2.06 11.48
CA ILE A 237 12.35 -2.71 12.36
C ILE A 237 10.99 -2.03 12.29
N PRO A 238 10.23 -2.22 11.21
CA PRO A 238 8.99 -1.46 11.05
C PRO A 238 7.84 -2.08 11.83
N ALA A 239 6.94 -1.21 12.27
CA ALA A 239 5.64 -1.58 12.81
C ALA A 239 4.60 -0.68 12.18
N LEU A 240 3.47 -1.26 11.79
CA LEU A 240 2.40 -0.51 11.15
C LEU A 240 1.10 -0.74 11.91
N LEU A 241 0.42 0.35 12.28
CA LEU A 241 -0.81 0.26 13.05
C LEU A 241 -1.89 1.13 12.42
N LYS A 242 -3.08 0.56 12.29
CA LYS A 242 -4.28 1.28 11.87
C LYS A 242 -5.13 1.56 13.09
N THR A 243 -5.37 2.83 13.39
CA THR A 243 -6.11 3.18 14.59
C THR A 243 -7.60 3.27 14.33
N ASP A 244 -8.37 3.38 15.41
CA ASP A 244 -9.82 3.58 15.30
C ASP A 244 -10.16 4.82 14.49
N LYS A 245 -9.39 5.86 14.63
CA LYS A 245 -9.70 7.04 13.84
C LYS A 245 -9.32 6.87 12.35
N GLY A 246 -8.90 5.71 11.86
CA GLY A 246 -8.41 5.58 10.50
C GLY A 246 -6.96 5.98 10.29
N THR A 247 -6.23 6.34 11.34
CA THR A 247 -4.85 6.79 11.21
C THR A 247 -3.91 5.62 10.99
N LEU A 248 -2.93 5.82 10.12
CA LEU A 248 -1.83 4.87 9.99
C LEU A 248 -0.66 5.40 10.81
N ILE A 249 -0.20 4.59 11.75
CA ILE A 249 0.99 4.86 12.52
C ILE A 249 2.07 3.93 12.02
N ALA A 250 3.20 4.49 11.62
CA ALA A 250 4.35 3.69 11.18
C ALA A 250 5.46 3.97 12.17
N GLY A 251 5.92 2.92 12.85
CA GLY A 251 7.01 3.08 13.78
C GLY A 251 8.26 2.44 13.24
N ALA A 252 9.42 2.85 13.76
CA ALA A 252 10.70 2.33 13.31
C ALA A 252 11.74 2.54 14.39
N ASP A 253 12.85 1.82 14.28
CA ASP A 253 14.08 2.22 14.96
C ASP A 253 14.79 3.30 14.16
N GLU A 254 15.07 4.43 14.80
CA GLU A 254 15.89 5.48 14.19
C GLU A 254 17.34 5.21 14.58
N ARG A 255 18.10 4.58 13.69
CA ARG A 255 19.46 4.15 13.99
C ARG A 255 20.43 5.19 13.44
N ARG A 256 20.84 6.13 14.30
CA ARG A 256 21.56 7.31 13.84
C ARG A 256 22.96 6.97 13.33
N LEU A 257 23.75 6.25 14.13
CA LEU A 257 25.16 6.11 13.82
C LEU A 257 25.47 5.00 12.83
N HIS A 258 24.71 3.90 12.85
CA HIS A 258 24.98 2.74 12.02
C HIS A 258 23.73 1.85 12.09
N SER A 259 23.77 0.73 11.37
CA SER A 259 22.62 -0.15 11.25
C SER A 259 22.55 -1.23 12.30
N SER A 260 23.50 -1.29 13.23
CA SER A 260 23.51 -2.47 14.06
C SER A 260 22.57 -2.31 15.24
N ASP A 261 22.30 -3.44 15.89
CA ASP A 261 21.36 -3.52 17.02
C ASP A 261 21.89 -2.90 18.30
N TRP A 262 22.59 -1.77 18.22
CA TRP A 262 23.01 -0.99 19.38
C TRP A 262 23.36 0.42 18.92
N GLY A 263 23.83 1.24 19.84
CA GLY A 263 24.20 2.59 19.49
C GLY A 263 23.18 3.61 19.96
N ASP A 264 23.03 4.73 19.26
CA ASP A 264 22.06 5.75 19.63
C ASP A 264 20.81 5.55 18.79
N ILE A 265 19.80 4.88 19.37
CA ILE A 265 18.58 4.48 18.68
C ILE A 265 17.40 5.18 19.35
N GLY A 266 16.50 5.73 18.53
CA GLY A 266 15.30 6.37 19.02
C GLY A 266 14.09 5.61 18.51
N MET A 267 13.06 5.49 19.36
CA MET A 267 11.78 4.93 18.96
C MET A 267 10.95 6.04 18.34
N VAL A 268 10.64 5.95 17.05
CA VAL A 268 9.95 7.04 16.37
C VAL A 268 8.75 6.50 15.61
N ILE A 269 7.78 7.40 15.34
CA ILE A 269 6.64 7.10 14.49
C ILE A 269 6.34 8.25 13.52
N ARG A 270 5.68 7.90 12.43
CA ARG A 270 5.06 8.84 11.50
C ARG A 270 3.57 8.53 11.36
N ARG A 271 2.71 9.52 11.51
CA ARG A 271 1.28 9.31 11.32
C ARG A 271 0.88 9.72 9.91
N SER A 272 -0.03 8.96 9.30
CA SER A 272 -0.69 9.33 8.05
C SER A 272 -2.18 9.39 8.29
N GLU A 273 -2.80 10.50 7.90
CA GLU A 273 -4.23 10.69 8.10
C GLU A 273 -5.04 10.48 6.84
N ASP A 274 -4.42 10.06 5.74
CA ASP A 274 -5.13 9.79 4.51
C ASP A 274 -4.79 8.41 3.98
N ASN A 275 -4.77 7.41 4.87
CA ASN A 275 -4.64 6.01 4.44
C ASN A 275 -3.35 5.77 3.69
N GLY A 276 -2.32 6.58 3.96
CA GLY A 276 -1.00 6.30 3.48
C GLY A 276 -0.52 7.09 2.30
N LYS A 277 -1.28 8.08 1.81
CA LYS A 277 -0.80 8.89 0.70
C LYS A 277 0.28 9.87 1.16
N THR A 278 0.06 10.55 2.28
CA THR A 278 1.03 11.47 2.83
C THR A 278 1.27 11.15 4.30
N TRP A 279 2.44 11.52 4.79
CA TRP A 279 2.88 11.20 6.14
C TRP A 279 3.43 12.43 6.81
N GLY A 280 3.12 12.60 8.09
CA GLY A 280 3.57 13.76 8.83
C GLY A 280 5.03 13.65 9.23
N ASP A 281 5.42 14.53 10.15
CA ASP A 281 6.78 14.58 10.63
C ASP A 281 7.02 13.51 11.69
N ARG A 282 8.29 13.28 12.00
CA ARG A 282 8.62 12.26 12.97
C ARG A 282 8.17 12.69 14.35
N VAL A 283 7.51 11.80 15.07
CA VAL A 283 7.26 11.92 16.49
C VAL A 283 8.18 10.94 17.19
N THR A 284 8.76 11.35 18.32
CA THR A 284 9.71 10.52 19.03
C THR A 284 9.08 10.09 20.35
N ILE A 285 8.85 8.78 20.50
CA ILE A 285 8.38 8.24 21.76
C ILE A 285 9.44 8.39 22.83
N THR A 286 10.66 7.92 22.53
CA THR A 286 11.73 7.82 23.51
C THR A 286 13.08 7.96 22.82
N ASN A 287 13.98 8.75 23.43
CA ASN A 287 15.36 8.75 22.92
C ASN A 287 16.31 9.05 24.08
N LEU A 288 16.86 7.99 24.68
CA LEU A 288 17.69 8.18 25.85
C LEU A 288 18.98 8.88 25.44
N ARG A 289 19.47 9.76 26.32
CA ARG A 289 20.64 10.56 25.94
C ARG A 289 21.89 9.70 25.95
N ASP A 290 22.80 10.03 25.03
CA ASP A 290 24.05 9.29 24.93
C ASP A 290 24.96 9.59 26.11
N ASN A 291 26.02 8.80 26.21
CA ASN A 291 27.02 9.03 27.24
C ASN A 291 28.08 9.91 26.60
N PRO A 292 28.18 11.18 26.96
CA PRO A 292 29.12 12.05 26.26
C PRO A 292 30.55 11.65 26.49
N LYS A 293 30.86 10.92 27.55
CA LYS A 293 32.23 10.55 27.91
C LYS A 293 32.61 9.15 27.47
N ALA A 294 31.77 8.46 26.69
CA ALA A 294 32.05 7.07 26.29
C ALA A 294 33.19 7.01 25.28
N SER A 295 33.99 5.94 25.36
CA SER A 295 35.20 5.85 24.54
C SER A 295 34.91 5.47 23.10
N ASP A 296 33.85 4.68 22.87
CA ASP A 296 33.45 4.22 21.54
C ASP A 296 32.02 4.69 21.28
N PRO A 297 31.82 5.82 20.59
CA PRO A 297 30.46 6.34 20.44
C PRO A 297 29.49 5.36 19.81
N SER A 298 29.97 4.50 18.89
CA SER A 298 29.06 3.55 18.25
C SER A 298 28.41 2.60 19.24
N ILE A 299 28.83 2.60 20.51
CA ILE A 299 28.25 1.75 21.54
C ILE A 299 28.16 2.53 22.83
N GLY A 300 28.11 3.84 22.74
CA GLY A 300 28.13 4.63 23.95
C GLY A 300 26.82 5.28 24.29
N SER A 301 25.71 4.60 24.01
CA SER A 301 24.45 5.19 24.37
C SER A 301 23.53 4.09 24.86
N PRO A 302 22.74 4.34 25.89
CA PRO A 302 21.67 3.41 26.25
C PRO A 302 20.80 3.15 25.04
N VAL A 303 20.25 1.95 24.96
CA VAL A 303 19.66 1.44 23.73
C VAL A 303 18.18 1.14 23.94
N ASN A 304 17.36 1.58 22.99
CA ASN A 304 16.00 1.08 22.80
C ASN A 304 15.95 0.47 21.41
N ILE A 305 15.24 -0.64 21.27
CA ILE A 305 15.34 -1.41 20.04
C ILE A 305 14.12 -2.34 19.96
N ASP A 306 13.54 -2.44 18.75
CA ASP A 306 12.44 -3.34 18.43
C ASP A 306 11.13 -3.00 19.14
N MET A 307 10.15 -2.44 18.42
CA MET A 307 8.89 -2.09 19.06
C MET A 307 7.75 -2.92 18.51
N VAL A 308 6.74 -3.09 19.36
CA VAL A 308 5.47 -3.70 18.99
C VAL A 308 4.39 -2.66 19.24
N LEU A 309 3.57 -2.38 18.22
CA LEU A 309 2.44 -1.46 18.34
C LEU A 309 1.15 -2.24 18.48
N VAL A 310 0.20 -1.68 19.22
CA VAL A 310 -1.13 -2.27 19.31
C VAL A 310 -2.05 -1.23 19.93
N GLN A 311 -3.30 -1.15 19.50
CA GLN A 311 -4.26 -0.24 20.12
C GLN A 311 -5.31 -1.05 20.85
N ASP A 312 -5.61 -0.66 22.09
CA ASP A 312 -6.70 -1.30 22.81
C ASP A 312 -8.04 -0.76 22.30
N PRO A 313 -8.92 -1.60 21.77
CA PRO A 313 -10.09 -1.07 21.04
C PRO A 313 -11.16 -0.46 21.93
N GLU A 314 -11.24 -0.83 23.22
CA GLU A 314 -12.21 -0.19 24.11
C GLU A 314 -11.75 1.20 24.55
N THR A 315 -10.56 1.28 25.15
CA THR A 315 -10.06 2.54 25.67
C THR A 315 -9.39 3.44 24.63
N LYS A 316 -8.98 2.91 23.49
CA LYS A 316 -8.32 3.63 22.41
C LYS A 316 -6.88 4.02 22.75
N ARG A 317 -6.35 3.58 23.89
CA ARG A 317 -4.95 3.80 24.22
C ARG A 317 -4.07 2.96 23.31
N ILE A 318 -3.06 3.59 22.73
CA ILE A 318 -2.12 2.93 21.82
C ILE A 318 -0.86 2.61 22.59
N PHE A 319 -0.39 1.37 22.51
CA PHE A 319 0.80 0.97 23.25
C PHE A 319 1.96 0.77 22.32
N SER A 320 3.12 1.29 22.70
CA SER A 320 4.37 0.90 22.08
C SER A 320 5.20 0.21 23.11
N ILE A 321 5.62 -1.02 22.84
CA ILE A 321 6.40 -1.83 23.77
C ILE A 321 7.72 -2.20 23.11
N TYR A 322 8.83 -2.01 23.83
CA TYR A 322 10.13 -2.14 23.18
C TYR A 322 11.20 -2.55 24.18
N ASP A 323 12.30 -3.13 23.65
CA ASP A 323 13.44 -3.54 24.48
C ASP A 323 14.24 -2.34 24.94
N MET A 324 14.87 -2.47 26.12
CA MET A 324 15.86 -1.51 26.57
C MET A 324 17.06 -2.20 27.21
N PHE A 325 18.27 -1.73 26.88
CA PHE A 325 19.51 -2.15 27.50
C PHE A 325 20.30 -0.93 27.95
N PRO A 326 21.03 -0.99 29.06
CA PRO A 326 21.93 0.12 29.39
C PRO A 326 23.08 0.15 28.41
N GLU A 327 23.82 1.27 28.45
CA GLU A 327 24.95 1.55 27.57
C GLU A 327 25.75 0.30 27.27
N GLY A 328 25.86 -0.01 25.99
CA GLY A 328 26.77 -1.05 25.54
C GLY A 328 26.37 -1.55 24.17
N LYS A 329 26.90 -2.75 23.85
CA LYS A 329 26.63 -3.38 22.58
C LYS A 329 25.27 -4.09 22.62
N GLY A 330 24.25 -3.40 23.15
CA GLY A 330 22.95 -4.02 23.24
C GLY A 330 23.01 -5.34 23.98
N ILE A 331 22.45 -6.38 23.37
CA ILE A 331 22.33 -7.67 24.04
C ILE A 331 23.71 -8.24 24.33
N PHE A 332 24.72 -7.77 23.62
CA PHE A 332 26.09 -8.21 23.83
C PHE A 332 26.80 -7.41 24.90
N GLY A 333 26.09 -6.45 25.52
CA GLY A 333 26.56 -5.75 26.70
C GLY A 333 26.03 -6.28 28.01
N MET A 334 25.13 -7.26 27.99
CA MET A 334 24.73 -7.89 29.23
C MET A 334 25.96 -8.41 29.95
N SER A 335 25.89 -8.47 31.27
CA SER A 335 26.98 -9.06 32.03
C SER A 335 27.00 -10.58 31.84
N SER A 336 28.21 -11.14 31.88
CA SER A 336 28.40 -12.58 31.68
C SER A 336 27.74 -13.38 32.79
N GLN A 337 28.09 -13.10 34.03
CA GLN A 337 27.33 -13.64 35.15
C GLN A 337 26.13 -12.76 35.45
N LYS A 338 25.03 -13.38 35.87
CA LYS A 338 23.79 -12.64 36.10
C LYS A 338 24.01 -11.56 37.14
N GLU A 339 23.40 -10.40 36.91
CA GLU A 339 23.27 -9.37 37.92
C GLU A 339 21.80 -9.19 38.21
N GLU A 340 21.38 -9.45 39.45
CA GLU A 340 20.03 -9.12 39.87
C GLU A 340 19.70 -7.68 39.52
N ALA A 341 18.53 -7.49 38.90
CA ALA A 341 18.09 -6.16 38.48
C ALA A 341 17.02 -5.57 39.37
N TYR A 342 16.27 -6.40 40.10
CA TYR A 342 15.17 -5.95 40.94
C TYR A 342 15.22 -6.69 42.27
N LYS A 343 14.63 -6.07 43.27
CA LYS A 343 14.66 -6.60 44.63
C LYS A 343 13.32 -6.29 45.27
N LYS A 344 12.66 -7.29 45.83
CA LYS A 344 11.37 -7.08 46.46
C LYS A 344 11.61 -6.78 47.94
N ILE A 345 11.10 -5.65 48.41
CA ILE A 345 11.25 -5.24 49.80
C ILE A 345 9.88 -4.80 50.31
N ASP A 346 9.43 -5.41 51.40
CA ASP A 346 8.10 -5.14 51.97
C ASP A 346 7.03 -5.15 50.88
N GLY A 347 7.07 -6.14 50.01
CA GLY A 347 6.03 -6.31 49.04
C GLY A 347 6.14 -5.42 47.84
N LYS A 348 6.97 -4.39 47.87
CA LYS A 348 7.19 -3.58 46.68
C LYS A 348 8.45 -4.03 45.96
N THR A 349 8.43 -3.89 44.65
CA THR A 349 9.58 -4.22 43.82
C THR A 349 10.24 -2.93 43.39
N TYR A 350 11.51 -2.78 43.72
CA TYR A 350 12.30 -1.62 43.32
C TYR A 350 13.42 -2.06 42.39
N GLN A 351 13.80 -1.17 41.47
CA GLN A 351 14.96 -1.45 40.65
C GLN A 351 16.21 -1.32 41.49
N ILE A 352 17.27 -2.06 41.10
CA ILE A 352 18.53 -2.08 41.83
C ILE A 352 19.54 -1.16 41.15
N LEU A 353 20.40 -0.57 41.97
CA LEU A 353 21.54 0.20 41.53
C LEU A 353 22.79 -0.42 42.14
N TYR A 354 23.86 -0.47 41.37
CA TYR A 354 25.17 -0.90 41.86
C TYR A 354 26.10 0.30 41.92
N ARG A 355 26.80 0.44 43.03
CA ARG A 355 27.65 1.58 43.30
C ARG A 355 29.08 1.17 43.04
N GLU A 356 29.84 2.06 42.41
CA GLU A 356 31.21 1.73 42.06
C GLU A 356 32.00 1.45 43.32
N GLY A 357 32.66 0.29 43.35
CA GLY A 357 33.50 -0.10 44.46
C GLY A 357 32.85 -1.06 45.43
N GLU A 358 31.53 -1.16 45.46
CA GLU A 358 30.84 -1.97 46.46
C GLU A 358 30.11 -3.15 45.82
N LYS A 359 29.56 -4.00 46.68
CA LYS A 359 28.86 -5.19 46.22
C LYS A 359 27.35 -5.14 46.42
N GLY A 360 26.88 -4.44 47.44
CA GLY A 360 25.48 -4.50 47.81
C GLY A 360 24.54 -3.87 46.80
N ALA A 361 23.25 -4.08 47.03
CA ALA A 361 22.18 -3.65 46.12
C ALA A 361 21.52 -2.39 46.68
N TYR A 362 21.89 -1.23 46.15
CA TYR A 362 21.04 -0.09 46.39
C TYR A 362 19.74 -0.26 45.62
N THR A 363 18.71 0.46 46.05
CA THR A 363 17.41 0.36 45.42
C THR A 363 16.89 1.76 45.17
N ILE A 364 16.06 1.88 44.14
CA ILE A 364 15.39 3.13 43.78
C ILE A 364 13.98 3.05 44.31
N ARG A 365 13.70 3.77 45.39
CA ARG A 365 12.37 3.71 45.96
C ARG A 365 11.54 4.92 45.51
N GLU A 366 10.52 5.26 46.29
CA GLU A 366 9.55 6.25 45.81
CA GLU A 366 9.54 6.26 45.87
C GLU A 366 10.22 7.60 45.55
N ASN A 367 9.78 8.23 44.47
CA ASN A 367 10.25 9.53 43.95
C ASN A 367 11.65 9.46 43.37
N GLY A 368 12.16 8.27 43.10
CA GLY A 368 13.52 8.17 42.65
C GLY A 368 14.55 8.18 43.75
N THR A 369 14.12 8.23 45.00
CA THR A 369 15.05 8.28 46.13
C THR A 369 15.87 7.02 46.22
N VAL A 370 17.19 7.17 46.29
CA VAL A 370 18.10 6.03 46.34
C VAL A 370 18.32 5.67 47.80
N TYR A 371 18.05 4.41 48.15
CA TYR A 371 18.25 3.89 49.49
C TYR A 371 19.47 2.99 49.49
N THR A 372 20.13 2.89 50.65
CA THR A 372 21.32 2.05 50.78
C THR A 372 20.92 0.58 50.83
N PRO A 373 21.89 -0.33 50.71
CA PRO A 373 21.56 -1.75 50.85
C PRO A 373 20.85 -2.08 52.15
N ASP A 374 20.99 -1.26 53.19
CA ASP A 374 20.32 -1.50 54.46
C ASP A 374 19.07 -0.66 54.66
N GLY A 375 18.64 0.10 53.66
CA GLY A 375 17.35 0.73 53.71
C GLY A 375 17.33 2.16 54.17
N LYS A 376 18.48 2.80 54.35
CA LYS A 376 18.56 4.20 54.68
C LYS A 376 18.52 5.03 53.40
N ALA A 377 17.66 6.05 53.37
CA ALA A 377 17.64 6.97 52.23
C ALA A 377 18.97 7.70 52.13
N THR A 378 19.40 8.01 50.90
CA THR A 378 20.56 8.87 50.64
C THR A 378 20.10 10.19 50.04
N ASP A 379 21.04 11.09 49.84
CA ASP A 379 20.70 12.34 49.18
CA ASP A 379 20.74 12.36 49.18
C ASP A 379 20.67 12.21 47.67
N TYR A 380 20.94 11.01 47.15
CA TYR A 380 20.86 10.76 45.71
C TYR A 380 19.43 10.50 45.29
N ARG A 381 19.17 10.75 44.02
CA ARG A 381 17.80 10.66 43.51
C ARG A 381 17.88 10.38 42.03
N VAL A 382 16.94 9.59 41.53
CA VAL A 382 16.85 9.21 40.13
C VAL A 382 15.67 9.92 39.49
N VAL A 383 15.86 10.45 38.31
CA VAL A 383 14.73 11.00 37.57
C VAL A 383 13.87 9.82 37.13
N VAL A 384 12.87 9.46 37.93
CA VAL A 384 11.97 8.40 37.50
C VAL A 384 10.84 8.97 36.65
N ASP A 385 10.50 10.27 36.82
CA ASP A 385 9.42 10.92 36.07
C ASP A 385 10.02 11.96 35.14
N PRO A 386 10.61 11.55 34.02
CA PRO A 386 11.31 12.50 33.14
C PRO A 386 10.35 13.52 32.54
N VAL A 387 10.92 14.65 32.09
CA VAL A 387 10.11 15.74 31.56
C VAL A 387 10.72 16.37 30.31
N LYS A 388 11.91 15.93 29.89
CA LYS A 388 12.52 16.57 28.72
C LYS A 388 12.01 15.94 27.43
N PRO A 389 12.14 16.62 26.29
CA PRO A 389 11.69 16.03 25.02
C PRO A 389 12.27 14.64 24.81
N ALA A 390 11.46 13.76 24.25
CA ALA A 390 11.82 12.35 24.06
C ALA A 390 12.27 11.68 25.36
N TYR A 391 12.11 12.37 26.48
CA TYR A 391 12.46 11.83 27.79
C TYR A 391 13.94 11.48 27.88
N SER A 392 14.76 12.22 27.14
CA SER A 392 16.20 12.04 27.17
C SER A 392 16.73 12.05 28.60
N ASP A 393 16.01 12.66 29.54
CA ASP A 393 16.48 12.80 30.92
C ASP A 393 16.14 11.61 31.79
N LYS A 394 15.52 10.57 31.26
CA LYS A 394 15.18 9.45 32.12
C LYS A 394 16.46 8.77 32.60
N GLY A 395 16.48 8.44 33.88
CA GLY A 395 17.64 7.82 34.49
C GLY A 395 18.70 8.77 35.03
N ASP A 396 18.59 10.08 34.78
CA ASP A 396 19.56 11.01 35.32
C ASP A 396 19.64 10.87 36.83
N LEU A 397 20.86 10.96 37.36
CA LEU A 397 21.14 10.79 38.77
C LEU A 397 21.55 12.13 39.36
N TYR A 398 20.81 12.60 40.37
CA TYR A 398 21.07 13.84 41.08
C TYR A 398 21.55 13.54 42.49
N LYS A 399 22.47 14.37 42.96
CA LYS A 399 22.72 14.50 44.40
C LYS A 399 22.03 15.78 44.81
N GLY A 400 21.01 15.65 45.67
CA GLY A 400 20.17 16.79 45.93
C GLY A 400 19.63 17.32 44.61
N ASP A 401 20.03 18.54 44.23
CA ASP A 401 19.53 19.17 43.01
C ASP A 401 20.64 19.39 41.98
N GLN A 402 21.74 18.66 42.11
CA GLN A 402 22.88 18.73 41.18
C GLN A 402 22.89 17.50 40.29
N LEU A 403 22.88 17.71 38.98
CA LEU A 403 22.99 16.60 38.05
C LEU A 403 24.40 16.04 38.11
N LEU A 404 24.53 14.70 38.21
CA LEU A 404 25.82 14.03 38.28
C LEU A 404 26.08 13.02 37.18
N GLY A 405 25.04 12.38 36.64
CA GLY A 405 25.25 11.29 35.71
C GLY A 405 23.92 10.66 35.35
N ASN A 406 23.94 9.38 35.03
CA ASN A 406 22.74 8.73 34.55
C ASN A 406 22.87 7.24 34.87
N ILE A 407 21.83 6.64 35.43
CA ILE A 407 21.98 5.26 35.88
C ILE A 407 22.16 4.29 34.72
N TYR A 408 21.86 4.69 33.50
CA TYR A 408 22.00 3.79 32.36
C TYR A 408 23.38 3.84 31.73
N PHE A 409 24.30 4.66 32.25
CA PHE A 409 25.69 4.71 31.77
C PHE A 409 26.52 3.61 32.43
N THR A 410 27.39 2.97 31.65
CA THR A 410 28.21 1.91 32.22
C THR A 410 29.72 2.12 32.10
N THR A 411 30.17 3.21 31.47
CA THR A 411 31.60 3.47 31.32
C THR A 411 31.86 4.96 31.51
N ASN A 412 33.06 5.29 32.00
CA ASN A 412 33.48 6.67 32.16
C ASN A 412 32.47 7.47 32.95
N LYS A 413 31.91 6.86 33.97
CA LYS A 413 30.74 7.44 34.61
C LYS A 413 31.08 8.71 35.39
N THR A 414 30.13 9.62 35.45
CA THR A 414 30.28 10.78 36.30
C THR A 414 29.40 10.71 37.54
N SER A 415 28.80 9.54 37.84
CA SER A 415 28.08 9.34 39.11
C SER A 415 28.41 7.97 39.67
N PRO A 416 28.08 7.67 40.93
CA PRO A 416 28.47 6.38 41.50
C PRO A 416 27.65 5.18 41.04
N PHE A 417 26.47 5.36 40.46
CA PHE A 417 25.46 4.32 40.40
C PHE A 417 25.07 3.94 38.98
N ARG A 418 24.97 2.62 38.72
CA ARG A 418 24.46 2.08 37.46
C ARG A 418 23.46 0.97 37.76
N ILE A 419 22.61 0.66 36.78
CA ILE A 419 21.62 -0.41 36.96
C ILE A 419 22.28 -1.70 36.51
N ALA A 420 21.64 -2.84 36.79
CA ALA A 420 22.15 -4.12 36.32
C ALA A 420 22.29 -4.15 34.81
N LYS A 421 23.39 -4.70 34.34
CA LYS A 421 23.60 -4.89 32.90
C LYS A 421 22.82 -6.12 32.46
N ASP A 422 21.54 -5.89 32.21
CA ASP A 422 20.60 -6.97 31.97
C ASP A 422 19.72 -6.53 30.80
N SER A 423 18.59 -7.20 30.63
CA SER A 423 17.69 -7.04 29.50
C SER A 423 16.33 -6.59 30.01
N TYR A 424 15.83 -5.47 29.49
CA TYR A 424 14.65 -4.84 30.05
C TYR A 424 13.58 -4.63 28.99
N LEU A 425 12.35 -4.41 29.44
CA LEU A 425 11.20 -4.29 28.57
C LEU A 425 10.38 -3.09 29.04
N TRP A 426 10.29 -2.08 28.19
CA TRP A 426 9.65 -0.80 28.46
C TRP A 426 8.39 -0.63 27.63
N MET A 427 7.54 0.30 28.04
CA MET A 427 6.26 0.53 27.37
C MET A 427 5.87 1.99 27.47
N SER A 428 5.37 2.56 26.37
CA SER A 428 4.87 3.92 26.35
C SER A 428 3.49 3.90 25.70
N TYR A 429 2.61 4.83 26.10
CA TYR A 429 1.26 4.83 25.55
C TYR A 429 0.85 6.22 25.08
N SER A 430 -0.08 6.23 24.13
CA SER A 430 -0.70 7.44 23.60
C SER A 430 -2.22 7.37 23.76
N ASP A 431 -2.82 8.47 24.21
CA ASP A 431 -4.28 8.60 24.22
C ASP A 431 -4.77 9.63 23.20
N ASP A 432 -3.93 10.05 22.25
CA ASP A 432 -4.30 11.05 21.27
C ASP A 432 -3.78 10.65 19.90
N ASP A 433 -4.13 9.44 19.47
CA ASP A 433 -3.88 8.98 18.11
C ASP A 433 -2.39 8.93 17.76
N GLY A 434 -1.52 8.93 18.75
CA GLY A 434 -0.09 8.88 18.50
C GLY A 434 0.60 10.22 18.31
N LYS A 435 -0.02 11.32 18.72
CA LYS A 435 0.67 12.59 18.59
C LYS A 435 1.60 12.86 19.76
N THR A 436 1.28 12.35 20.94
CA THR A 436 2.09 12.56 22.13
C THR A 436 2.08 11.30 22.99
N TRP A 437 3.21 10.98 23.59
CA TRP A 437 3.40 9.70 24.23
C TRP A 437 3.79 9.87 25.70
N SER A 438 3.46 8.88 26.51
CA SER A 438 3.76 8.96 27.94
C SER A 438 5.25 8.74 28.19
N ALA A 439 5.67 9.00 29.43
CA ALA A 439 7.00 8.56 29.81
C ALA A 439 7.06 7.03 29.84
N PRO A 440 8.24 6.45 29.62
CA PRO A 440 8.33 4.98 29.56
C PRO A 440 8.03 4.38 30.92
N GLN A 441 7.34 3.23 30.93
CA GLN A 441 7.08 2.47 32.14
CA GLN A 441 7.10 2.48 32.15
C GLN A 441 7.78 1.13 32.04
N ASP A 442 8.51 0.75 33.09
CA ASP A 442 9.28 -0.49 33.11
C ASP A 442 8.37 -1.66 33.46
N ILE A 443 8.05 -2.50 32.48
CA ILE A 443 7.24 -3.68 32.77
C ILE A 443 8.07 -4.93 32.99
N THR A 444 9.42 -4.83 32.90
CA THR A 444 10.28 -6.00 33.11
C THR A 444 9.89 -6.85 34.32
N PRO A 445 9.82 -6.28 35.53
CA PRO A 445 9.61 -7.12 36.70
C PRO A 445 8.26 -7.85 36.71
N MET A 446 7.30 -7.44 35.88
CA MET A 446 6.05 -8.19 35.83
C MET A 446 6.13 -9.42 34.96
N VAL A 447 7.11 -9.52 34.06
CA VAL A 447 7.13 -10.61 33.09
C VAL A 447 8.43 -11.40 33.09
N LYS A 448 9.53 -10.90 33.65
CA LYS A 448 10.84 -11.54 33.49
C LYS A 448 11.17 -12.38 34.72
N ALA A 449 10.99 -13.68 34.59
CA ALA A 449 11.31 -14.64 35.63
C ALA A 449 12.79 -14.64 35.90
N ASP A 450 13.16 -15.29 37.02
CA ASP A 450 14.56 -15.25 37.46
C ASP A 450 15.51 -15.98 36.52
N TRP A 451 15.07 -17.06 35.88
CA TRP A 451 16.04 -17.77 35.07
C TRP A 451 16.30 -17.13 33.72
N MET A 452 15.58 -16.06 33.38
CA MET A 452 15.57 -15.61 31.99
C MET A 452 16.79 -14.75 31.75
N LYS A 453 17.68 -15.19 30.86
CA LYS A 453 18.81 -14.31 30.56
C LYS A 453 18.34 -13.11 29.76
N PHE A 454 17.67 -13.36 28.62
CA PHE A 454 17.13 -12.28 27.80
C PHE A 454 15.61 -12.44 27.68
N LEU A 455 14.93 -11.30 27.50
CA LEU A 455 13.49 -11.26 27.22
C LEU A 455 13.22 -10.01 26.37
N GLY A 456 12.82 -10.21 25.11
CA GLY A 456 12.57 -9.08 24.24
C GLY A 456 11.41 -9.38 23.32
N VAL A 457 10.97 -8.35 22.62
CA VAL A 457 9.76 -8.45 21.81
C VAL A 457 10.10 -9.03 20.45
N GLY A 458 9.09 -9.64 19.82
CA GLY A 458 9.11 -9.90 18.40
C GLY A 458 8.43 -8.73 17.69
N PRO A 459 9.22 -7.88 17.06
CA PRO A 459 8.69 -6.59 16.62
C PRO A 459 7.63 -6.77 15.55
N GLY A 460 6.76 -5.76 15.45
CA GLY A 460 5.61 -5.84 14.57
C GLY A 460 4.38 -5.27 15.24
N THR A 461 3.24 -5.94 15.13
CA THR A 461 1.99 -5.41 15.66
C THR A 461 1.27 -6.52 16.42
N GLY A 462 1.18 -6.39 17.74
CA GLY A 462 0.42 -7.31 18.53
C GLY A 462 -1.06 -7.13 18.26
N ILE A 463 -1.88 -7.84 19.04
CA ILE A 463 -3.30 -7.89 18.78
C ILE A 463 -4.07 -7.77 20.08
N VAL A 464 -5.38 -7.65 19.95
CA VAL A 464 -6.32 -7.74 21.04
C VAL A 464 -7.31 -8.84 20.65
N LEU A 465 -7.44 -9.85 21.51
CA LEU A 465 -8.39 -10.93 21.26
C LEU A 465 -9.79 -10.38 21.01
N ARG A 466 -10.37 -10.80 19.89
CA ARG A 466 -11.71 -10.38 19.49
C ARG A 466 -12.80 -11.25 20.11
N ASN A 467 -12.53 -12.52 20.38
CA ASN A 467 -13.60 -13.38 20.81
C ASN A 467 -13.12 -14.32 21.90
N GLY A 468 -14.09 -14.99 22.52
CA GLY A 468 -13.84 -16.07 23.44
C GLY A 468 -13.87 -15.63 24.88
N PRO A 469 -13.66 -16.60 25.79
CA PRO A 469 -13.68 -16.27 27.23
C PRO A 469 -12.59 -15.30 27.67
N HIS A 470 -11.64 -14.95 26.77
CA HIS A 470 -10.55 -14.05 27.10
C HIS A 470 -10.53 -12.83 26.18
N LYS A 471 -11.64 -12.53 25.51
CA LYS A 471 -11.56 -11.40 24.59
C LYS A 471 -11.21 -10.12 25.35
N GLY A 472 -10.65 -9.16 24.63
CA GLY A 472 -10.10 -7.98 25.23
C GLY A 472 -8.70 -8.13 25.77
N ARG A 473 -8.22 -9.36 25.93
CA ARG A 473 -6.82 -9.56 26.31
C ARG A 473 -5.89 -9.06 25.21
N ILE A 474 -4.83 -8.37 25.61
CA ILE A 474 -3.81 -7.86 24.71
C ILE A 474 -2.65 -8.84 24.67
N LEU A 475 -2.22 -9.24 23.49
CA LEU A 475 -1.08 -10.15 23.35
C LEU A 475 0.08 -9.44 22.66
N ILE A 476 1.25 -9.46 23.30
CA ILE A 476 2.49 -8.98 22.71
C ILE A 476 3.43 -10.17 22.54
N PRO A 477 3.91 -10.47 21.33
CA PRO A 477 4.89 -11.55 21.19
C PRO A 477 6.23 -11.18 21.81
N VAL A 478 6.88 -12.16 22.46
CA VAL A 478 8.22 -12.00 23.02
C VAL A 478 8.99 -13.30 22.82
N TYR A 479 10.29 -13.27 23.13
CA TYR A 479 11.05 -14.50 23.21
C TYR A 479 12.15 -14.36 24.27
N THR A 480 12.60 -15.50 24.82
CA THR A 480 13.59 -15.53 25.88
C THR A 480 14.81 -16.37 25.52
N THR A 481 15.88 -16.18 26.30
CA THR A 481 17.00 -17.10 26.39
C THR A 481 17.20 -17.43 27.85
N ASN A 482 17.90 -18.53 28.13
CA ASN A 482 18.23 -18.93 29.49
C ASN A 482 19.75 -18.85 29.68
N ASN A 483 20.20 -19.17 30.89
CA ASN A 483 21.64 -19.07 31.09
C ASN A 483 22.37 -20.38 30.83
N VAL A 484 21.68 -21.43 30.38
CA VAL A 484 22.38 -22.63 29.95
C VAL A 484 23.02 -22.39 28.59
N SER A 485 22.20 -22.19 27.54
CA SER A 485 22.72 -22.03 26.19
C SER A 485 22.52 -20.65 25.56
N HIS A 486 21.89 -19.68 26.24
CA HIS A 486 21.70 -18.34 25.70
C HIS A 486 21.27 -18.36 24.23
N LEU A 487 21.95 -17.60 23.38
CA LEU A 487 21.55 -17.49 21.98
C LEU A 487 21.99 -18.67 21.15
N ASP A 488 22.65 -19.66 21.74
CA ASP A 488 23.11 -20.81 20.98
C ASP A 488 22.07 -21.91 20.94
N GLY A 489 21.21 -22.01 21.96
CA GLY A 489 20.16 -23.00 21.89
C GLY A 489 18.95 -22.80 22.76
N SER A 490 18.67 -21.59 23.27
CA SER A 490 17.47 -21.48 24.10
C SER A 490 16.48 -20.41 23.67
N GLN A 491 16.67 -19.74 22.54
CA GLN A 491 15.67 -18.77 22.08
C GLN A 491 14.30 -19.41 21.92
N SER A 492 13.31 -18.90 22.66
CA SER A 492 11.99 -19.52 22.75
C SER A 492 10.91 -18.46 22.73
N SER A 493 9.91 -18.64 21.87
CA SER A 493 8.82 -17.69 21.72
C SER A 493 7.77 -17.88 22.80
N ARG A 494 7.04 -16.80 23.08
CA ARG A 494 5.85 -16.83 23.93
C ARG A 494 5.15 -15.49 23.75
N VAL A 495 4.05 -15.27 24.49
CA VAL A 495 3.43 -13.94 24.55
C VAL A 495 3.38 -13.47 25.99
N ILE A 496 3.43 -12.15 26.17
CA ILE A 496 3.00 -11.52 27.40
C ILE A 496 1.61 -10.99 27.11
N TYR A 497 0.80 -10.84 28.16
CA TYR A 497 -0.57 -10.43 27.95
C TYR A 497 -1.01 -9.54 29.09
N SER A 498 -2.09 -8.80 28.87
CA SER A 498 -2.72 -7.97 29.89
C SER A 498 -4.22 -8.07 29.74
N ASP A 499 -4.90 -8.44 30.82
CA ASP A 499 -6.35 -8.52 30.80
C ASP A 499 -7.00 -7.28 31.40
N ASP A 500 -6.21 -6.28 31.78
CA ASP A 500 -6.78 -5.06 32.37
C ASP A 500 -6.35 -3.82 31.58
N HIS A 501 -6.40 -3.88 30.25
CA HIS A 501 -6.29 -2.70 29.39
C HIS A 501 -4.91 -2.06 29.45
N GLY A 502 -3.89 -2.85 29.76
CA GLY A 502 -2.51 -2.38 29.74
C GLY A 502 -1.94 -2.04 31.09
N LYS A 503 -2.73 -2.06 32.16
CA LYS A 503 -2.19 -1.71 33.46
C LYS A 503 -1.17 -2.74 33.93
N THR A 504 -1.52 -4.02 33.82
CA THR A 504 -0.77 -5.10 34.43
C THR A 504 -0.45 -6.15 33.38
N TRP A 505 0.78 -6.63 33.38
CA TRP A 505 1.23 -7.58 32.39
C TRP A 505 1.62 -8.90 33.04
N HIS A 506 1.44 -9.99 32.29
CA HIS A 506 1.74 -11.35 32.69
C HIS A 506 2.42 -12.08 31.54
N ALA A 507 3.32 -13.00 31.88
CA ALA A 507 3.99 -13.82 30.87
C ALA A 507 3.29 -15.16 30.70
N GLY A 508 2.84 -15.45 29.48
CA GLY A 508 2.35 -16.78 29.17
C GLY A 508 3.49 -17.79 29.17
N GLU A 509 3.12 -19.05 28.93
CA GLU A 509 4.11 -20.10 28.89
C GLU A 509 4.81 -20.14 27.53
N ALA A 510 5.94 -20.80 27.48
CA ALA A 510 6.68 -20.87 26.22
C ALA A 510 6.16 -21.99 25.36
N VAL A 511 6.26 -21.79 24.04
CA VAL A 511 5.90 -22.88 23.14
C VAL A 511 6.78 -24.08 23.42
N ASN A 512 8.00 -23.83 23.90
CA ASN A 512 8.99 -24.85 24.15
C ASN A 512 8.87 -25.49 25.53
N ASP A 513 7.98 -25.01 26.39
CA ASP A 513 7.83 -25.59 27.72
C ASP A 513 7.07 -26.92 27.64
N ASN A 514 7.75 -28.01 28.01
CA ASN A 514 7.18 -29.38 28.02
C ASN A 514 6.95 -29.90 26.61
N ARG A 515 7.81 -29.53 25.67
CA ARG A 515 7.69 -29.97 24.30
C ARG A 515 8.64 -31.16 24.10
N GLN A 516 8.21 -32.14 23.32
CA GLN A 516 9.08 -33.25 22.97
C GLN A 516 9.86 -32.93 21.69
N VAL A 517 11.18 -33.13 21.72
CA VAL A 517 11.96 -32.84 20.53
C VAL A 517 12.59 -34.11 19.97
N ASP A 518 13.52 -34.72 20.71
CA ASP A 518 14.12 -35.98 20.29
C ASP A 518 13.74 -37.05 21.31
N GLY A 519 12.44 -37.31 21.43
CA GLY A 519 11.89 -38.21 22.43
C GLY A 519 11.95 -37.72 23.85
N GLN A 520 12.46 -36.51 24.12
CA GLN A 520 12.60 -36.00 25.48
C GLN A 520 11.90 -34.66 25.61
N LYS A 521 11.37 -34.41 26.81
CA LYS A 521 10.79 -33.11 27.09
C LYS A 521 11.88 -32.06 27.17
N ILE A 522 11.53 -30.83 26.79
CA ILE A 522 12.41 -29.69 27.03
C ILE A 522 11.61 -28.60 27.72
N HIS A 523 12.33 -27.55 28.10
CA HIS A 523 11.70 -26.39 28.68
C HIS A 523 12.48 -25.16 28.28
N SER A 524 11.77 -24.03 28.17
CA SER A 524 12.48 -22.82 27.77
C SER A 524 13.57 -22.48 28.76
N SER A 525 13.41 -22.85 30.04
CA SER A 525 14.34 -22.40 31.06
C SER A 525 15.66 -23.18 31.08
N THR A 526 15.65 -24.41 30.61
CA THR A 526 16.82 -25.27 30.71
C THR A 526 17.34 -25.75 29.38
N MET A 527 16.62 -25.52 28.29
CA MET A 527 16.93 -26.21 27.05
C MET A 527 18.30 -25.80 26.52
N ASN A 528 18.81 -26.63 25.62
CA ASN A 528 19.98 -26.30 24.80
C ASN A 528 19.84 -27.16 23.55
N ASN A 529 19.44 -26.55 22.45
CA ASN A 529 19.02 -27.26 21.26
C ASN A 529 18.79 -26.27 20.12
N ARG A 530 19.78 -26.11 19.24
CA ARG A 530 19.71 -25.07 18.22
CA ARG A 530 19.71 -25.07 18.23
C ARG A 530 18.48 -25.22 17.33
N ARG A 531 18.17 -26.45 16.91
CA ARG A 531 17.09 -26.54 15.93
C ARG A 531 15.71 -26.47 16.55
N ALA A 532 15.62 -26.44 17.88
CA ALA A 532 14.31 -26.35 18.53
C ALA A 532 14.00 -24.94 18.96
N GLN A 533 14.85 -23.99 18.60
CA GLN A 533 14.58 -22.61 18.96
C GLN A 533 13.41 -22.07 18.14
N ASN A 534 12.92 -20.91 18.57
CA ASN A 534 11.94 -20.10 17.87
C ASN A 534 12.01 -18.73 18.50
N THR A 535 12.06 -17.68 17.67
CA THR A 535 12.49 -16.37 18.16
C THR A 535 11.36 -15.37 17.91
N GLU A 536 11.61 -14.34 17.10
CA GLU A 536 10.59 -13.33 16.84
C GLU A 536 9.41 -13.99 16.17
N SER A 537 8.22 -13.57 16.56
CA SER A 537 7.02 -14.19 16.03
C SER A 537 5.93 -13.14 15.87
N THR A 538 4.86 -13.53 15.17
CA THR A 538 3.67 -12.72 14.98
C THR A 538 2.44 -13.53 15.35
N VAL A 539 1.45 -12.89 15.96
CA VAL A 539 0.33 -13.60 16.56
C VAL A 539 -0.99 -13.22 15.90
N VAL A 540 -1.89 -14.21 15.81
CA VAL A 540 -3.20 -14.05 15.18
C VAL A 540 -4.25 -14.82 15.99
N GLN A 541 -5.44 -14.26 16.16
CA GLN A 541 -6.54 -15.04 16.73
C GLN A 541 -7.55 -15.42 15.64
N LEU A 542 -7.92 -16.70 15.59
CA LEU A 542 -8.93 -17.11 14.63
C LEU A 542 -10.34 -16.80 15.13
N ASN A 543 -11.32 -16.92 14.24
CA ASN A 543 -12.68 -16.79 14.72
C ASN A 543 -13.06 -17.94 15.62
N ASN A 544 -12.41 -19.09 15.49
CA ASN A 544 -12.82 -20.16 16.40
C ASN A 544 -12.26 -19.97 17.79
N GLY A 545 -11.48 -18.91 18.04
CA GLY A 545 -10.95 -18.59 19.34
C GLY A 545 -9.50 -18.98 19.55
N ASP A 546 -8.98 -19.88 18.73
CA ASP A 546 -7.60 -20.27 18.91
C ASP A 546 -6.68 -19.13 18.56
N VAL A 547 -5.50 -19.15 19.16
CA VAL A 547 -4.42 -18.21 18.89
C VAL A 547 -3.33 -18.95 18.15
N LYS A 548 -2.93 -18.42 17.01
CA LYS A 548 -1.86 -18.99 16.21
C LYS A 548 -0.64 -18.10 16.35
N LEU A 549 0.54 -18.71 16.48
CA LEU A 549 1.79 -17.99 16.62
C LEU A 549 2.71 -18.45 15.49
N PHE A 550 3.05 -17.52 14.60
CA PHE A 550 3.94 -17.77 13.47
C PHE A 550 5.32 -17.32 13.92
N MET A 551 6.28 -18.26 14.00
CA MET A 551 7.54 -18.05 14.72
C MET A 551 8.73 -18.20 13.80
N ARG A 552 9.62 -17.21 13.82
CA ARG A 552 10.88 -17.34 13.12
C ARG A 552 11.67 -18.48 13.76
N GLY A 553 12.16 -19.39 12.92
CA GLY A 553 12.91 -20.53 13.42
C GLY A 553 13.91 -20.97 12.39
N LEU A 554 14.50 -22.16 12.55
CA LEU A 554 15.60 -22.60 11.70
C LEU A 554 15.29 -23.96 11.09
N THR A 555 14.08 -24.17 10.54
CA THR A 555 13.80 -25.39 9.78
C THR A 555 13.63 -25.13 8.29
N GLY A 556 13.78 -23.90 7.84
CA GLY A 556 13.60 -23.62 6.44
C GLY A 556 12.19 -23.33 6.02
N ASP A 557 11.19 -23.75 6.80
CA ASP A 557 9.80 -23.51 6.46
C ASP A 557 9.07 -23.02 7.70
N LEU A 558 7.79 -22.71 7.51
CA LEU A 558 7.02 -21.96 8.47
C LEU A 558 6.60 -22.84 9.64
N GLN A 559 6.81 -22.35 10.86
CA GLN A 559 6.41 -23.03 12.07
C GLN A 559 5.28 -22.26 12.72
N VAL A 560 4.20 -22.95 13.06
CA VAL A 560 3.01 -22.30 13.63
C VAL A 560 2.62 -23.10 14.86
N ALA A 561 2.54 -22.43 16.00
CA ALA A 561 2.12 -23.05 17.25
C ALA A 561 0.71 -22.58 17.57
N THR A 562 -0.02 -23.38 18.35
CA THR A 562 -1.44 -23.14 18.57
C THR A 562 -1.74 -23.13 20.06
N SER A 563 -2.58 -22.19 20.50
CA SER A 563 -2.99 -22.09 21.88
C SER A 563 -4.50 -22.05 21.96
N LYS A 564 -5.07 -22.93 22.74
CA LYS A 564 -6.50 -22.97 22.92
C LYS A 564 -6.97 -22.16 24.11
N ASP A 565 -6.08 -21.49 24.83
CA ASP A 565 -6.48 -20.78 26.05
C ASP A 565 -6.00 -19.36 26.02
N GLY A 566 -6.08 -18.71 24.87
CA GLY A 566 -5.80 -17.28 24.81
C GLY A 566 -4.37 -16.89 25.06
N GLY A 567 -3.41 -17.74 24.67
CA GLY A 567 -2.01 -17.37 24.75
C GLY A 567 -1.25 -17.91 25.95
N VAL A 568 -1.95 -18.38 26.97
CA VAL A 568 -1.27 -18.79 28.19
C VAL A 568 -0.45 -20.07 27.99
N THR A 569 -0.98 -21.06 27.28
CA THR A 569 -0.24 -22.29 27.06
C THR A 569 -0.44 -22.72 25.61
N TRP A 570 0.52 -23.51 25.09
CA TRP A 570 0.51 -23.91 23.69
C TRP A 570 0.48 -25.42 23.56
N GLU A 571 -0.22 -25.92 22.53
CA GLU A 571 -0.22 -27.33 22.24
C GLU A 571 1.22 -27.82 22.02
N LYS A 572 1.41 -29.14 22.14
CA LYS A 572 2.77 -29.66 22.11
C LYS A 572 3.31 -29.83 20.71
N ASP A 573 2.46 -29.88 19.69
CA ASP A 573 2.89 -30.07 18.32
C ASP A 573 2.99 -28.74 17.59
N ILE A 574 4.16 -28.45 17.07
CA ILE A 574 4.41 -27.29 16.21
C ILE A 574 4.12 -27.74 14.78
N LYS A 575 3.11 -27.16 14.15
CA LYS A 575 2.87 -27.49 12.76
C LYS A 575 3.91 -26.81 11.88
N ARG A 576 4.41 -27.53 10.89
CA ARG A 576 5.37 -27.02 9.93
C ARG A 576 4.75 -27.04 8.54
N TYR A 577 4.87 -25.93 7.83
CA TYR A 577 4.28 -25.79 6.51
C TYR A 577 5.37 -25.61 5.48
N PRO A 578 5.83 -26.67 4.81
CA PRO A 578 6.84 -26.47 3.76
C PRO A 578 6.37 -25.56 2.62
N GLN A 579 5.06 -25.31 2.47
CA GLN A 579 4.57 -24.44 1.42
C GLN A 579 5.14 -23.03 1.52
N VAL A 580 5.54 -22.60 2.71
CA VAL A 580 6.03 -21.25 2.94
C VAL A 580 7.43 -21.35 3.51
N LYS A 581 8.41 -20.80 2.79
CA LYS A 581 9.79 -20.87 3.26
C LYS A 581 10.10 -19.73 4.21
N ASP A 582 10.89 -20.05 5.24
CA ASP A 582 11.33 -19.10 6.25
C ASP A 582 12.84 -19.08 6.22
N VAL A 583 13.41 -17.99 5.72
CA VAL A 583 14.85 -17.90 5.52
C VAL A 583 15.49 -17.36 6.78
N TYR A 584 14.82 -17.55 7.92
CA TYR A 584 15.26 -17.08 9.23
C TYR A 584 15.28 -15.55 9.29
N VAL A 585 14.09 -14.97 9.30
CA VAL A 585 13.92 -13.52 9.35
C VAL A 585 12.53 -13.26 9.91
N GLN A 586 12.33 -12.07 10.46
CA GLN A 586 11.02 -11.73 10.98
C GLN A 586 9.96 -11.84 9.87
N MET A 587 8.71 -12.01 10.30
CA MET A 587 7.56 -11.98 9.40
C MET A 587 6.42 -11.30 10.14
N SER A 588 5.30 -11.09 9.45
CA SER A 588 4.11 -10.54 10.08
C SER A 588 2.89 -11.20 9.48
N ALA A 589 1.87 -11.38 10.32
CA ALA A 589 0.65 -12.04 9.86
C ALA A 589 -0.53 -11.32 10.47
N ILE A 590 -1.64 -11.34 9.75
CA ILE A 590 -2.85 -10.66 10.18
C ILE A 590 -4.04 -11.49 9.77
N HIS A 591 -5.09 -11.36 10.55
CA HIS A 591 -6.35 -12.03 10.29
C HIS A 591 -7.19 -11.16 9.36
N THR A 592 -7.93 -11.78 8.45
CA THR A 592 -8.84 -10.97 7.65
C THR A 592 -10.02 -11.81 7.17
N MET A 593 -11.13 -11.14 6.92
CA MET A 593 -12.30 -11.76 6.29
C MET A 593 -12.42 -11.25 4.87
N HIS A 594 -12.98 -12.07 3.99
CA HIS A 594 -13.30 -11.61 2.66
C HIS A 594 -14.55 -12.35 2.21
N GLU A 595 -15.53 -11.61 1.69
CA GLU A 595 -16.74 -12.20 1.13
C GLU A 595 -17.24 -13.33 2.02
N GLY A 596 -17.21 -13.10 3.33
CA GLY A 596 -17.78 -14.05 4.25
C GLY A 596 -16.88 -15.19 4.65
N LYS A 597 -15.66 -15.29 4.11
CA LYS A 597 -14.71 -16.33 4.46
C LYS A 597 -13.49 -15.76 5.19
N GLU A 598 -12.86 -16.60 6.00
CA GLU A 598 -11.76 -16.24 6.90
C GLU A 598 -10.40 -16.54 6.27
N TYR A 599 -9.47 -15.60 6.37
CA TYR A 599 -8.17 -15.79 5.77
C TYR A 599 -7.06 -15.24 6.66
N ILE A 600 -5.84 -15.68 6.39
CA ILE A 600 -4.65 -15.12 7.01
C ILE A 600 -3.70 -14.66 5.91
N ILE A 601 -3.24 -13.44 6.01
CA ILE A 601 -2.21 -12.94 5.11
C ILE A 601 -0.91 -12.97 5.88
N LEU A 602 0.14 -13.52 5.28
CA LEU A 602 1.45 -13.57 5.91
C LEU A 602 2.46 -13.03 4.92
N SER A 603 3.40 -12.25 5.41
CA SER A 603 4.41 -11.65 4.56
C SER A 603 5.79 -11.92 5.09
N ASN A 604 6.71 -12.34 4.22
CA ASN A 604 8.10 -12.51 4.62
C ASN A 604 8.93 -12.70 3.36
N ALA A 605 10.25 -12.64 3.54
CA ALA A 605 11.17 -12.84 2.44
C ALA A 605 10.92 -14.20 1.83
N GLY A 606 10.82 -14.24 0.50
CA GLY A 606 10.66 -15.52 -0.18
C GLY A 606 11.95 -16.27 -0.48
N GLY A 607 13.10 -15.63 -0.34
CA GLY A 607 14.34 -16.36 -0.46
C GLY A 607 14.98 -16.35 -1.84
N PRO A 608 16.13 -17.02 -1.95
CA PRO A 608 16.76 -17.78 -0.86
C PRO A 608 17.54 -16.93 0.15
N LYS A 609 17.67 -15.63 -0.08
CA LYS A 609 18.21 -14.79 0.98
C LYS A 609 17.09 -13.86 1.49
N ARG A 610 17.48 -12.80 2.20
CA ARG A 610 16.51 -11.79 2.62
C ARG A 610 16.15 -10.92 1.42
N GLU A 611 15.39 -11.52 0.50
CA GLU A 611 15.10 -10.86 -0.76
C GLU A 611 13.82 -11.43 -1.34
N ASN A 612 13.23 -10.66 -2.24
CA ASN A 612 12.01 -11.08 -2.95
CA ASN A 612 12.00 -11.05 -2.95
C ASN A 612 10.86 -11.22 -1.95
N GLY A 613 10.42 -10.07 -1.43
CA GLY A 613 9.30 -10.01 -0.50
C GLY A 613 8.02 -10.62 -1.02
N MET A 614 7.41 -11.48 -0.22
CA MET A 614 6.19 -12.14 -0.66
C MET A 614 5.06 -11.98 0.33
N VAL A 615 3.86 -12.04 -0.23
CA VAL A 615 2.61 -12.04 0.49
C VAL A 615 1.97 -13.40 0.24
N HIS A 616 1.77 -14.16 1.32
CA HIS A 616 1.16 -15.48 1.24
C HIS A 616 -0.27 -15.36 1.70
N LEU A 617 -1.17 -16.12 1.07
CA LEU A 617 -2.60 -16.09 1.39
C LEU A 617 -3.05 -17.48 1.81
N ALA A 618 -3.76 -17.55 2.92
CA ALA A 618 -4.18 -18.82 3.49
C ALA A 618 -5.65 -18.73 3.85
N ARG A 619 -6.37 -19.82 3.69
CA ARG A 619 -7.75 -19.86 4.18
C ARG A 619 -7.81 -20.67 5.45
N VAL A 620 -8.60 -20.22 6.40
CA VAL A 620 -8.67 -20.87 7.70
C VAL A 620 -9.73 -21.97 7.63
N GLU A 621 -9.31 -23.20 7.77
CA GLU A 621 -10.24 -24.31 7.64
C GLU A 621 -10.99 -24.54 8.94
N GLU A 622 -11.97 -25.45 8.90
CA GLU A 622 -12.85 -25.63 10.04
C GLU A 622 -12.08 -26.08 11.27
N ASN A 623 -11.05 -26.89 11.09
CA ASN A 623 -10.28 -27.40 12.21
C ASN A 623 -9.33 -26.37 12.79
N GLY A 624 -9.21 -25.20 12.17
CA GLY A 624 -8.17 -24.25 12.50
C GLY A 624 -6.87 -24.47 11.76
N GLU A 625 -6.89 -25.19 10.64
CA GLU A 625 -5.66 -25.37 9.89
C GLU A 625 -5.68 -24.51 8.64
N LEU A 626 -4.51 -24.34 8.03
CA LEU A 626 -4.33 -23.37 6.97
C LEU A 626 -4.25 -24.07 5.62
N THR A 627 -5.02 -23.57 4.66
CA THR A 627 -4.90 -23.98 3.26
C THR A 627 -4.28 -22.81 2.53
N TRP A 628 -3.04 -22.98 2.10
CA TRP A 628 -2.38 -21.87 1.42
C TRP A 628 -2.88 -21.80 -0.03
N LEU A 629 -3.38 -20.64 -0.41
CA LEU A 629 -3.93 -20.49 -1.75
C LEU A 629 -2.96 -19.84 -2.71
N LYS A 630 -2.15 -18.90 -2.27
CA LYS A 630 -1.43 -18.10 -3.24
C LYS A 630 -0.18 -17.54 -2.58
N HIS A 631 0.86 -17.36 -3.40
CA HIS A 631 2.13 -16.80 -2.94
C HIS A 631 2.59 -15.82 -4.01
N ASN A 632 2.65 -14.53 -3.69
CA ASN A 632 2.81 -13.51 -4.72
C ASN A 632 3.90 -12.54 -4.30
N PRO A 633 4.85 -12.24 -5.18
CA PRO A 633 5.89 -11.29 -4.84
C PRO A 633 5.31 -9.90 -4.60
N ILE A 634 5.71 -9.29 -3.49
CA ILE A 634 5.31 -7.93 -3.22
C ILE A 634 6.47 -6.95 -3.39
N GLN A 635 7.71 -7.44 -3.45
CA GLN A 635 8.85 -6.53 -3.51
C GLN A 635 10.08 -7.33 -3.93
N LYS A 636 10.61 -7.02 -5.11
CA LYS A 636 11.82 -7.66 -5.59
C LYS A 636 13.04 -7.00 -4.99
N GLY A 637 14.10 -7.79 -4.83
CA GLY A 637 15.32 -7.30 -4.26
C GLY A 637 15.35 -7.47 -2.75
N GLU A 638 16.23 -6.71 -2.10
CA GLU A 638 16.38 -6.80 -0.66
C GLU A 638 15.04 -6.65 0.03
N PHE A 639 14.76 -7.57 0.95
CA PHE A 639 13.51 -7.53 1.69
C PHE A 639 13.71 -8.25 3.02
N ALA A 640 13.38 -7.58 4.12
CA ALA A 640 13.58 -8.19 5.43
C ALA A 640 12.36 -8.07 6.32
N TYR A 641 12.46 -7.28 7.40
CA TYR A 641 11.38 -7.17 8.36
C TYR A 641 10.21 -6.40 7.77
N ASN A 642 9.01 -6.75 8.21
CA ASN A 642 7.83 -6.15 7.62
C ASN A 642 6.68 -6.22 8.62
N SER A 643 5.62 -5.45 8.34
CA SER A 643 4.50 -5.32 9.23
C SER A 643 3.27 -5.04 8.38
N LEU A 644 2.23 -5.89 8.53
CA LEU A 644 0.99 -5.86 7.79
C LEU A 644 -0.14 -5.23 8.60
N GLN A 645 -1.08 -4.57 7.90
CA GLN A 645 -2.34 -4.11 8.48
C GLN A 645 -3.44 -4.16 7.43
N GLU A 646 -4.66 -4.45 7.91
CA GLU A 646 -5.84 -4.31 7.07
C GLU A 646 -6.31 -2.85 7.10
N LEU A 647 -6.57 -2.29 5.93
CA LEU A 647 -6.97 -0.88 5.84
C LEU A 647 -8.46 -0.69 5.67
N GLY A 648 -9.19 -1.72 5.29
CA GLY A 648 -10.60 -1.60 5.02
C GLY A 648 -10.90 -1.61 3.53
N ASN A 649 -12.15 -1.93 3.21
CA ASN A 649 -12.63 -1.92 1.84
C ASN A 649 -11.75 -2.75 0.93
N GLY A 650 -11.32 -3.92 1.42
CA GLY A 650 -10.57 -4.82 0.57
C GLY A 650 -9.17 -4.37 0.27
N GLU A 651 -8.61 -3.47 1.08
CA GLU A 651 -7.24 -3.02 0.91
C GLU A 651 -6.41 -3.31 2.14
N TYR A 652 -5.10 -3.49 1.92
CA TYR A 652 -4.13 -3.80 2.95
C TYR A 652 -2.85 -2.98 2.73
N GLY A 653 -2.15 -2.70 3.82
CA GLY A 653 -0.86 -2.07 3.67
C GLY A 653 0.24 -2.86 4.32
N ILE A 654 1.48 -2.57 3.95
CA ILE A 654 2.64 -3.30 4.47
C ILE A 654 3.80 -2.33 4.56
N LEU A 655 4.43 -2.24 5.72
CA LEU A 655 5.61 -1.41 5.93
C LEU A 655 6.80 -2.35 6.09
N TYR A 656 7.84 -2.17 5.27
CA TYR A 656 8.89 -3.21 5.19
C TYR A 656 10.27 -2.59 4.96
N GLU A 657 11.29 -3.37 5.32
CA GLU A 657 12.69 -2.98 5.14
C GLU A 657 13.17 -3.28 3.73
N HIS A 658 13.79 -2.29 3.07
CA HIS A 658 14.24 -2.52 1.70
C HIS A 658 15.37 -1.55 1.38
N THR A 659 16.23 -1.92 0.45
CA THR A 659 17.30 -1.04 -0.02
C THR A 659 17.40 -1.08 -1.53
N GLU A 660 17.39 0.10 -2.14
CA GLU A 660 17.72 0.25 -3.55
C GLU A 660 19.00 1.06 -3.66
N LYS A 661 19.74 0.81 -4.73
CA LYS A 661 20.76 1.71 -5.28
C LYS A 661 21.53 2.42 -4.17
N GLY A 662 22.26 1.61 -3.40
CA GLY A 662 23.20 2.11 -2.42
C GLY A 662 22.55 2.85 -1.27
N GLN A 663 21.31 2.53 -0.95
CA GLN A 663 20.74 2.99 0.30
C GLN A 663 21.31 2.19 1.47
N ASN A 664 21.48 2.86 2.60
CA ASN A 664 21.90 2.18 3.80
C ASN A 664 20.80 1.24 4.27
N ALA A 665 21.19 0.11 4.82
CA ALA A 665 20.18 -0.77 5.41
C ALA A 665 19.66 -0.14 6.68
N TYR A 666 18.35 0.13 6.75
CA TYR A 666 17.41 -0.04 5.66
C TYR A 666 16.58 1.23 5.51
N THR A 667 15.89 1.35 4.39
CA THR A 667 14.84 2.34 4.20
C THR A 667 13.52 1.62 4.37
N LEU A 668 12.59 2.20 5.12
CA LEU A 668 11.31 1.55 5.36
C LEU A 668 10.26 2.15 4.44
N SER A 669 9.64 1.32 3.63
CA SER A 669 8.74 1.78 2.57
C SER A 669 7.33 1.28 2.84
N PHE A 670 6.37 1.85 2.11
CA PHE A 670 4.96 1.53 2.31
C PHE A 670 4.37 1.18 0.95
N ARG A 671 3.70 0.03 0.89
CA ARG A 671 2.91 -0.38 -0.26
C ARG A 671 1.51 -0.68 0.21
N LYS A 672 0.54 -0.33 -0.62
CA LYS A 672 -0.84 -0.71 -0.42
C LYS A 672 -1.21 -1.71 -1.50
N PHE A 673 -1.98 -2.74 -1.16
CA PHE A 673 -2.47 -3.66 -2.17
C PHE A 673 -3.91 -3.98 -1.89
N ASN A 674 -4.54 -4.71 -2.81
CA ASN A 674 -5.93 -5.08 -2.65
C ASN A 674 -6.08 -6.58 -2.87
N TRP A 675 -7.32 -7.03 -2.70
CA TRP A 675 -7.62 -8.45 -2.84
C TRP A 675 -7.34 -8.96 -4.25
N GLU A 676 -7.45 -8.11 -5.27
CA GLU A 676 -7.17 -8.54 -6.64
CA GLU A 676 -7.17 -8.55 -6.63
C GLU A 676 -5.69 -8.86 -6.82
N PHE A 677 -4.82 -8.03 -6.28
CA PHE A 677 -3.40 -8.39 -6.29
C PHE A 677 -3.17 -9.63 -5.44
N LEU A 678 -3.90 -9.72 -4.35
CA LEU A 678 -3.65 -10.70 -3.33
C LEU A 678 -4.04 -12.10 -3.79
N SER A 679 -5.09 -12.21 -4.61
CA SER A 679 -5.65 -13.51 -4.90
C SER A 679 -5.40 -13.99 -6.32
N LYS A 680 -5.25 -13.07 -7.27
CA LYS A 680 -5.16 -13.45 -8.68
C LYS A 680 -3.71 -13.70 -9.09
N SER A 681 -3.56 -14.33 -10.26
CA SER A 681 -2.24 -14.77 -10.69
C SER A 681 -1.40 -13.59 -11.16
N LYS A 682 -0.11 -13.87 -11.32
CA LYS A 682 0.89 -12.82 -11.50
C LYS A 682 0.58 -11.92 -12.69
N GLY A 683 0.04 -12.50 -13.76
CA GLY A 683 -0.18 -11.74 -14.99
C GLY A 683 -1.35 -10.77 -14.89
N HIS A 684 -2.51 -11.28 -14.48
CA HIS A 684 -3.73 -10.47 -14.37
C HIS A 684 -3.51 -9.29 -13.43
N GLU A 685 -2.89 -8.23 -13.95
CA GLU A 685 -2.80 -6.98 -13.21
C GLU A 685 -4.12 -6.25 -13.41
N ARG A 686 -4.09 -5.22 -14.28
CA ARG A 686 -5.26 -4.50 -14.78
C ARG A 686 -4.71 -3.37 -15.65
N ASN A 687 -3.63 -2.75 -15.18
CA ASN A 687 -2.99 -1.63 -15.87
C ASN A 687 -2.12 -2.13 -17.03
N ILE A 690 -5.26 -4.13 -18.73
CA ILE A 690 -5.96 -3.84 -19.98
C ILE A 690 -5.70 -2.38 -20.40
N LYS A 691 -6.65 -1.48 -20.14
CA LYS A 691 -6.59 -0.08 -20.57
C LYS A 691 -6.40 0.04 -22.07
N VAL A 692 -7.09 -0.84 -22.80
CA VAL A 692 -7.33 -0.56 -24.22
C VAL A 692 -8.16 0.70 -24.36
N ILE A 693 -9.03 0.97 -23.38
CA ILE A 693 -9.84 2.19 -23.36
C ILE A 693 -8.95 3.42 -23.56
N ILE A 694 -7.73 3.37 -23.02
CA ILE A 694 -6.78 4.47 -23.23
C ILE A 694 -6.48 4.63 -24.72
N ALA A 695 -6.23 3.52 -25.41
CA ALA A 695 -5.87 3.61 -26.82
C ALA A 695 -7.01 4.18 -27.66
N VAL A 696 -8.24 3.75 -27.37
CA VAL A 696 -9.39 4.24 -28.12
C VAL A 696 -9.59 5.74 -27.89
N VAL A 697 -9.43 6.19 -26.64
CA VAL A 697 -9.64 7.61 -26.35
C VAL A 697 -8.59 8.47 -27.04
N VAL A 698 -7.32 8.05 -27.00
CA VAL A 698 -6.29 8.90 -27.58
C VAL A 698 -6.42 8.99 -29.09
N VAL A 699 -6.90 7.93 -29.75
CA VAL A 699 -7.06 8.01 -31.20
C VAL A 699 -8.33 8.78 -31.56
N PHE A 700 -9.42 8.59 -30.79
CA PHE A 700 -10.64 9.32 -31.05
C PHE A 700 -10.44 10.82 -30.87
N ILE A 701 -9.43 11.23 -30.11
CA ILE A 701 -9.07 12.64 -30.00
C ILE A 701 -8.08 12.99 -31.10
N VAL A 702 -6.92 12.34 -31.11
CA VAL A 702 -5.83 12.73 -32.02
C VAL A 702 -6.28 12.73 -33.48
N PHE A 703 -7.34 12.00 -33.82
CA PHE A 703 -7.79 11.97 -35.21
C PHE A 703 -8.95 12.94 -35.46
N GLN A 704 -9.98 12.90 -34.62
CA GLN A 704 -11.15 13.72 -34.88
C GLN A 704 -10.88 15.20 -34.57
N LEU A 705 -10.17 15.48 -33.48
CA LEU A 705 -9.89 16.86 -33.11
C LEU A 705 -9.22 17.68 -34.20
N PRO A 706 -8.20 17.20 -34.93
CA PRO A 706 -7.69 17.99 -36.06
C PRO A 706 -8.77 18.40 -37.05
N TYR A 707 -9.72 17.51 -37.36
CA TYR A 707 -10.78 17.86 -38.29
C TYR A 707 -11.67 18.97 -37.74
N ASN A 708 -12.41 18.68 -36.66
CA ASN A 708 -13.39 19.62 -36.13
C ASN A 708 -12.77 20.92 -35.66
N GLY A 709 -11.45 20.99 -35.54
CA GLY A 709 -10.78 22.24 -35.24
C GLY A 709 -10.48 23.04 -36.49
N VAL A 710 -9.98 22.35 -37.52
CA VAL A 710 -9.76 23.01 -38.81
C VAL A 710 -11.07 23.54 -39.37
N VAL A 711 -12.18 22.87 -39.08
CA VAL A 711 -13.48 23.37 -39.55
C VAL A 711 -14.05 24.45 -38.65
N LEU A 712 -13.45 24.68 -37.47
CA LEU A 712 -13.85 25.81 -36.65
C LEU A 712 -12.98 27.04 -36.90
N ALA A 713 -11.72 26.84 -37.29
CA ALA A 713 -10.88 27.91 -37.78
C ALA A 713 -11.15 28.24 -39.24
N GLN A 714 -11.94 27.42 -39.93
CA GLN A 714 -12.42 27.74 -41.27
C GLN A 714 -13.36 28.92 -41.26
N THR A 715 -13.75 29.41 -40.09
CA THR A 715 -14.79 30.42 -39.99
C THR A 715 -14.22 31.81 -39.73
N VAL A 716 -13.75 32.04 -38.50
CA VAL A 716 -13.18 33.32 -38.04
C VAL A 716 -13.80 34.56 -38.70
N THR A 725 -3.34 35.58 -52.48
CA THR A 725 -4.42 35.82 -51.53
C THR A 725 -5.28 34.57 -51.33
N CYS A 726 -5.82 34.06 -52.43
CA CYS A 726 -6.71 32.90 -52.36
C CYS A 726 -5.95 31.63 -51.98
N GLU A 727 -4.65 31.56 -52.27
CA GLU A 727 -3.90 30.34 -52.06
C GLU A 727 -3.42 30.16 -50.62
N LEU A 728 -3.61 31.17 -49.76
CA LEU A 728 -3.39 31.01 -48.32
C LEU A 728 -4.50 30.20 -47.66
N SER A 729 -5.72 30.27 -48.22
CA SER A 729 -6.80 29.40 -47.78
C SER A 729 -6.65 27.98 -48.29
N LYS A 730 -5.81 27.76 -49.31
CA LYS A 730 -5.50 26.40 -49.75
C LYS A 730 -4.75 25.63 -48.66
N GLN A 731 -3.83 26.31 -47.95
CA GLN A 731 -3.23 25.72 -46.76
C GLN A 731 -4.31 25.34 -45.75
N LEU A 732 -5.34 26.17 -45.61
CA LEU A 732 -6.49 25.83 -44.79
C LEU A 732 -7.33 24.72 -45.39
N ASN A 733 -7.27 24.52 -46.71
CA ASN A 733 -8.05 23.50 -47.40
C ASN A 733 -7.39 22.13 -47.41
N ILE A 734 -6.07 22.07 -47.55
CA ILE A 734 -5.38 20.79 -47.42
C ILE A 734 -5.33 20.37 -45.95
N ALA A 735 -5.37 21.34 -45.03
CA ALA A 735 -5.69 21.02 -43.65
C ALA A 735 -7.04 20.33 -43.55
N TYR A 736 -8.03 20.84 -44.28
CA TYR A 736 -9.36 20.24 -44.26
C TYR A 736 -9.34 18.83 -44.83
N ASP A 737 -8.49 18.57 -45.83
CA ASP A 737 -8.47 17.27 -46.48
C ASP A 737 -7.87 16.20 -45.57
N VAL A 738 -6.62 16.38 -45.15
CA VAL A 738 -5.95 15.29 -44.43
C VAL A 738 -6.57 15.10 -43.04
N THR A 739 -7.00 16.18 -42.38
CA THR A 739 -7.63 15.99 -41.07
C THR A 739 -9.01 15.33 -41.20
N TYR A 740 -9.68 15.53 -42.35
CA TYR A 740 -10.87 14.73 -42.63
C TYR A 740 -10.50 13.30 -43.01
N SER A 741 -9.31 13.11 -43.57
CA SER A 741 -8.88 11.77 -43.94
C SER A 741 -8.54 10.94 -42.70
N LEU A 742 -7.93 11.57 -41.69
CA LEU A 742 -7.61 10.85 -40.47
C LEU A 742 -8.87 10.55 -39.66
N ALA A 743 -9.83 11.46 -39.66
CA ALA A 743 -11.09 11.20 -38.98
C ALA A 743 -11.87 10.06 -39.62
N CYS A 744 -11.61 9.76 -40.90
CA CYS A 744 -12.22 8.62 -41.55
C CYS A 744 -11.49 7.31 -41.22
N VAL A 745 -10.16 7.36 -41.17
CA VAL A 745 -9.37 6.16 -40.89
C VAL A 745 -9.51 5.73 -39.43
N ARG A 746 -9.96 6.63 -38.54
CA ARG A 746 -10.13 6.27 -37.14
C ARG A 746 -11.22 5.21 -36.97
N CYS A 747 -12.21 5.19 -37.85
CA CYS A 747 -13.30 4.21 -37.80
C CYS A 747 -12.86 2.83 -38.29
N CYS A 748 -11.64 2.70 -38.83
CA CYS A 748 -11.00 1.42 -39.11
C CYS A 748 -10.02 1.01 -38.01
N VAL A 749 -9.30 2.00 -37.46
CA VAL A 749 -8.30 1.73 -36.43
C VAL A 749 -8.95 1.21 -35.17
N ASN A 750 -10.23 1.54 -34.95
CA ASN A 750 -10.91 1.23 -33.70
C ASN A 750 -11.16 -0.26 -33.50
N PRO A 751 -11.54 -1.03 -34.54
CA PRO A 751 -11.59 -2.49 -34.38
C PRO A 751 -10.21 -3.13 -34.25
N PHE A 752 -9.17 -2.58 -34.89
CA PHE A 752 -7.82 -3.10 -34.68
C PHE A 752 -7.37 -2.87 -33.25
N LEU A 753 -7.85 -1.82 -32.60
CA LEU A 753 -7.55 -1.61 -31.18
C LEU A 753 -8.11 -2.75 -30.34
N TYR A 754 -9.34 -3.19 -30.63
CA TYR A 754 -10.00 -4.17 -29.79
C TYR A 754 -9.34 -5.55 -29.83
N ALA A 755 -8.65 -5.87 -30.92
CA ALA A 755 -8.11 -7.22 -31.11
C ALA A 755 -6.68 -7.36 -30.60
N PHE A 756 -5.77 -6.47 -31.04
CA PHE A 756 -4.40 -6.46 -30.57
C PHE A 756 -4.34 -6.24 -29.06
N ILE A 757 -4.47 -4.99 -28.63
CA ILE A 757 -4.32 -4.68 -27.20
C ILE A 757 -5.50 -5.19 -26.40
N GLY A 758 -6.66 -5.37 -27.04
CA GLY A 758 -7.80 -5.94 -26.35
C GLY A 758 -7.53 -7.34 -25.87
N VAL A 759 -8.25 -7.72 -24.82
CA VAL A 759 -8.15 -9.04 -24.21
C VAL A 759 -9.35 -9.91 -24.56
N LYS A 760 -10.56 -9.41 -24.31
CA LYS A 760 -11.77 -10.19 -24.52
C LYS A 760 -12.05 -10.40 -26.00
N PHE A 761 -11.84 -9.36 -26.83
CA PHE A 761 -12.32 -9.39 -28.20
C PHE A 761 -11.63 -10.47 -29.02
N ARG A 762 -10.31 -10.34 -29.22
CA ARG A 762 -9.60 -11.30 -30.07
C ARG A 762 -9.84 -12.73 -29.61
N ASN A 763 -9.85 -12.95 -28.30
CA ASN A 763 -10.21 -14.24 -27.72
C ASN A 763 -11.61 -14.67 -28.17
N ASP A 764 -12.61 -13.81 -27.89
CA ASP A 764 -14.01 -14.18 -28.12
C ASP A 764 -14.33 -14.33 -29.60
N LEU A 765 -13.77 -13.46 -30.46
CA LEU A 765 -14.08 -13.51 -31.88
C LEU A 765 -13.57 -14.81 -32.49
N PHE A 766 -12.28 -15.13 -32.27
CA PHE A 766 -11.71 -16.33 -32.87
C PHE A 766 -12.40 -17.59 -32.36
N LYS A 767 -12.93 -17.56 -31.13
CA LYS A 767 -13.56 -18.72 -30.51
C LYS A 767 -15.04 -18.88 -30.88
N LEU A 768 -15.57 -18.03 -31.76
CA LEU A 768 -16.92 -18.19 -32.29
C LEU A 768 -16.91 -18.50 -33.79
N PHE A 769 -15.74 -18.54 -34.42
CA PHE A 769 -15.59 -18.78 -35.84
C PHE A 769 -16.20 -20.12 -36.28
#